data_8Q6I
#
_entry.id   8Q6I
#
_cell.length_a   60.308
_cell.length_b   91.091
_cell.length_c   72.291
_cell.angle_alpha   90.000
_cell.angle_beta   106.403
_cell.angle_gamma   90.000
#
_symmetry.space_group_name_H-M   'P 1 21 1'
#
loop_
_entity.id
_entity.type
_entity.pdbx_description
1 polymer 'Cholera enterotoxin subunit A'
2 polymer 'Cholera enterotoxin subunit B'
3 non-polymer 'SODIUM ION'
4 non-polymer GLYCEROL
5 non-polymer DI(HYDROXYETHYL)ETHER
6 water water
#
loop_
_entity_poly.entity_id
_entity_poly.type
_entity_poly.pdbx_seq_one_letter_code
_entity_poly.pdbx_strand_id
1 'polypeptide(L)'
;NDDKLYRADSRPPDEIKQSGGLMPRGQSEYFDRGTQMNINLYDHARGTQTGFVRHDDGYVSTSISLRSAHLVGQTILSGH
STYYIYVIATAPNMFNVNDVLGAYSPHPDEQEVSALGGIPYSQIYGWYRV(HIC)FGVLDEQLHRNRGYRDRYYSNLDIA
PAADGYGLAGFPPEHRAWREEPWIHHAPPGCGNAPRSSMSNTCDEKTQSLGVKFLDEYQSKVKRQIFSGYQSEIDTHNRI
KDEL
;
A
2 'polypeptide(L)'
;TPQNITDLCAEYHNTQIHTLNDKIFSYTESLAGKREMAIITFKNGATFQVEVPGSQHIDSQKKAIERMKDTLRIAYLTEA
KVEKLCVWNNKTPHAIAAISMAN
;
D,E,F,G,H
#
loop_
_chem_comp.id
_chem_comp.type
_chem_comp.name
_chem_comp.formula
GOL non-polymer GLYCEROL 'C3 H8 O3'
NA non-polymer 'SODIUM ION' 'Na 1'
PEG non-polymer DI(HYDROXYETHYL)ETHER 'C4 H10 O3'
#
# COMPACT_ATOMS: atom_id res chain seq x y z
N ASN A 1 -0.91 -14.26 17.85
CA ASN A 1 0.44 -14.31 18.49
C ASN A 1 1.49 -14.65 17.43
N ASP A 2 2.73 -14.82 17.88
CA ASP A 2 3.89 -14.95 17.01
C ASP A 2 4.25 -16.41 16.78
N ASP A 3 3.31 -17.34 17.01
CA ASP A 3 3.50 -18.71 16.59
C ASP A 3 3.90 -18.79 15.12
N LYS A 4 4.72 -19.80 14.81
CA LYS A 4 5.15 -20.08 13.45
C LYS A 4 4.71 -21.46 13.03
N LEU A 5 4.65 -21.66 11.71
CA LEU A 5 4.45 -22.94 11.08
C LEU A 5 5.59 -23.14 10.10
N TYR A 6 5.75 -24.39 9.63
CA TYR A 6 6.92 -24.76 8.84
C TYR A 6 6.53 -25.64 7.67
N ARG A 7 7.24 -25.49 6.56
CA ARG A 7 6.96 -26.31 5.40
C ARG A 7 8.21 -26.46 4.52
N ALA A 8 8.57 -27.71 4.24
CA ALA A 8 9.63 -28.03 3.30
C ALA A 8 9.13 -27.85 1.88
N ASP A 9 9.96 -27.26 1.01
CA ASP A 9 9.54 -27.04 -0.36
C ASP A 9 10.77 -26.85 -1.22
N SER A 10 10.80 -27.54 -2.36
CA SER A 10 11.90 -27.41 -3.30
C SER A 10 11.86 -26.07 -4.04
N ARG A 11 10.68 -25.44 -4.12
CA ARG A 11 10.55 -24.13 -4.74
C ARG A 11 11.40 -23.15 -3.93
N PRO A 12 12.42 -22.51 -4.58
CA PRO A 12 13.34 -21.63 -3.86
C PRO A 12 12.75 -20.23 -3.63
N PRO A 13 13.33 -19.42 -2.71
CA PRO A 13 12.79 -18.10 -2.38
C PRO A 13 12.51 -17.15 -3.53
N ASP A 14 13.39 -17.14 -4.56
CA ASP A 14 13.19 -16.29 -5.73
C ASP A 14 11.88 -16.66 -6.41
N GLU A 15 11.62 -17.97 -6.57
CA GLU A 15 10.40 -18.41 -7.23
C GLU A 15 9.18 -18.00 -6.40
N ILE A 16 9.25 -18.17 -5.08
N ILE A 16 9.23 -18.32 -5.11
CA ILE A 16 8.17 -17.82 -4.17
CA ILE A 16 8.26 -17.86 -4.12
C ILE A 16 7.86 -16.32 -4.21
C ILE A 16 7.89 -16.39 -4.35
N LYS A 17 8.89 -15.46 -4.28
N LYS A 17 8.91 -15.53 -4.34
CA LYS A 17 8.68 -14.02 -4.37
CA LYS A 17 8.72 -14.09 -4.37
C LYS A 17 7.94 -13.72 -5.67
C LYS A 17 7.99 -13.71 -5.65
N GLN A 18 8.40 -14.35 -6.76
CA GLN A 18 7.81 -14.16 -8.07
C GLN A 18 6.35 -14.61 -8.08
N SER A 19 6.06 -15.72 -7.39
CA SER A 19 4.71 -16.29 -7.37
C SER A 19 3.84 -15.60 -6.32
N GLY A 20 4.43 -14.69 -5.52
CA GLY A 20 3.68 -13.99 -4.47
C GLY A 20 3.40 -14.85 -3.24
N GLY A 21 4.18 -15.93 -3.08
CA GLY A 21 4.06 -16.83 -1.94
C GLY A 21 4.17 -18.29 -2.35
N LEU A 22 3.78 -19.18 -1.43
CA LEU A 22 3.77 -20.63 -1.60
C LEU A 22 2.39 -21.03 -2.08
N MET A 23 2.35 -21.49 -3.32
CA MET A 23 1.11 -21.67 -4.06
C MET A 23 0.64 -23.11 -3.96
N PRO A 24 -0.70 -23.33 -3.97
CA PRO A 24 -1.23 -24.65 -4.27
C PRO A 24 -0.99 -25.00 -5.74
N ARG A 25 -1.09 -26.30 -6.03
CA ARG A 25 -0.81 -26.83 -7.35
C ARG A 25 -1.74 -26.14 -8.34
N GLY A 26 -1.20 -25.76 -9.51
CA GLY A 26 -2.02 -25.24 -10.59
C GLY A 26 -2.27 -23.73 -10.49
N GLN A 27 -1.66 -23.08 -9.49
N GLN A 27 -1.59 -23.10 -9.53
CA GLN A 27 -1.84 -21.65 -9.25
CA GLN A 27 -1.78 -21.69 -9.22
C GLN A 27 -0.47 -20.98 -9.35
C GLN A 27 -0.44 -20.98 -9.35
N SER A 28 -0.30 -20.11 -10.36
CA SER A 28 0.99 -19.52 -10.65
C SER A 28 1.25 -18.27 -9.80
N GLU A 29 0.21 -17.54 -9.39
CA GLU A 29 0.43 -16.35 -8.57
C GLU A 29 -0.70 -16.19 -7.54
N TYR A 30 -0.38 -15.56 -6.43
CA TYR A 30 -1.25 -15.51 -5.27
C TYR A 30 -2.57 -14.82 -5.60
N PHE A 31 -2.55 -13.64 -6.21
N PHE A 31 -2.52 -13.68 -6.31
CA PHE A 31 -3.76 -12.83 -6.32
CA PHE A 31 -3.70 -12.86 -6.59
C PHE A 31 -4.69 -13.36 -7.40
C PHE A 31 -4.29 -13.14 -7.97
N ASP A 32 -4.21 -14.36 -8.15
N ASP A 32 -3.64 -13.99 -8.77
CA ASP A 32 -5.00 -14.99 -9.19
CA ASP A 32 -4.09 -14.34 -10.12
C ASP A 32 -6.43 -15.23 -8.70
C ASP A 32 -5.27 -15.31 -10.02
N ARG A 33 -7.37 -14.72 -9.50
N ARG A 33 -6.47 -14.74 -9.79
CA ARG A 33 -8.66 -15.36 -9.68
CA ARG A 33 -7.72 -15.46 -9.62
C ARG A 33 -8.70 -15.97 -11.08
C ARG A 33 -8.13 -16.13 -10.93
N GLY A 34 -7.96 -15.39 -12.04
CA GLY A 34 -7.83 -15.94 -13.39
C GLY A 34 -8.88 -17.01 -13.74
N THR A 35 -8.43 -18.29 -13.75
CA THR A 35 -9.33 -19.44 -13.74
C THR A 35 -9.16 -20.14 -12.39
N GLN A 36 -10.27 -20.62 -11.83
N GLN A 36 -10.25 -20.74 -11.92
CA GLN A 36 -10.33 -20.96 -10.42
CA GLN A 36 -10.44 -21.05 -10.51
C GLN A 36 -10.05 -22.45 -10.24
C GLN A 36 -10.07 -22.50 -10.24
N MET A 37 -9.06 -22.71 -9.37
CA MET A 37 -8.67 -24.04 -8.93
C MET A 37 -9.76 -24.61 -8.02
N ASN A 38 -9.84 -25.93 -7.94
CA ASN A 38 -10.73 -26.60 -6.99
C ASN A 38 -10.25 -26.33 -5.56
N ILE A 39 -11.17 -25.93 -4.68
CA ILE A 39 -10.86 -25.68 -3.28
C ILE A 39 -11.73 -26.60 -2.41
N ASN A 40 -11.08 -27.53 -1.71
CA ASN A 40 -11.76 -28.57 -0.94
C ASN A 40 -10.79 -29.15 0.09
N LEU A 41 -11.00 -28.82 1.38
CA LEU A 41 -10.09 -29.22 2.44
C LEU A 41 -9.97 -30.74 2.57
N TYR A 42 -11.12 -31.42 2.54
CA TYR A 42 -11.14 -32.88 2.65
C TYR A 42 -10.30 -33.53 1.57
N ASP A 43 -10.44 -33.06 0.32
CA ASP A 43 -9.62 -33.58 -0.79
C ASP A 43 -8.15 -33.21 -0.63
N HIS A 44 -7.87 -31.95 -0.24
CA HIS A 44 -6.50 -31.54 0.06
C HIS A 44 -5.83 -32.50 1.04
N ALA A 45 -6.51 -32.79 2.17
CA ALA A 45 -5.93 -33.48 3.31
C ALA A 45 -5.62 -34.94 2.97
N ARG A 46 -6.39 -35.48 2.02
N ARG A 46 -6.37 -35.49 2.01
CA ARG A 46 -6.29 -36.86 1.59
CA ARG A 46 -6.22 -36.90 1.65
C ARG A 46 -5.17 -37.05 0.56
C ARG A 46 -5.34 -37.04 0.40
N GLY A 47 -4.70 -35.94 -0.04
CA GLY A 47 -3.84 -35.98 -1.22
C GLY A 47 -2.49 -36.64 -0.91
N THR A 48 -1.88 -37.27 -1.93
CA THR A 48 -0.64 -38.00 -1.67
C THR A 48 0.52 -37.11 -2.08
N GLN A 49 1.61 -37.28 -1.33
CA GLN A 49 2.77 -36.42 -1.45
C GLN A 49 3.76 -37.08 -2.41
N THR A 50 4.01 -36.42 -3.55
CA THR A 50 4.99 -36.85 -4.54
C THR A 50 5.73 -35.64 -5.10
N GLY A 51 6.90 -35.35 -4.54
CA GLY A 51 7.66 -34.18 -4.95
C GLY A 51 7.25 -32.93 -4.17
N PHE A 52 6.07 -32.98 -3.53
CA PHE A 52 5.62 -31.86 -2.72
C PHE A 52 4.91 -32.34 -1.46
N VAL A 53 5.14 -31.60 -0.38
CA VAL A 53 4.28 -31.68 0.78
C VAL A 53 2.89 -31.22 0.33
N ARG A 54 1.82 -31.82 0.88
CA ARG A 54 0.45 -31.63 0.38
C ARG A 54 0.16 -30.17 -0.04
N HIS A 55 -0.26 -29.99 -1.31
N HIS A 55 -0.27 -29.98 -1.29
CA HIS A 55 -0.54 -28.66 -1.86
CA HIS A 55 -0.64 -28.64 -1.75
C HIS A 55 -1.65 -28.68 -2.91
C HIS A 55 -1.63 -28.70 -2.90
N ASP A 56 -2.46 -29.75 -2.92
CA ASP A 56 -3.49 -29.90 -3.92
C ASP A 56 -4.80 -29.38 -3.37
N ASP A 57 -5.74 -29.14 -4.29
CA ASP A 57 -7.11 -28.81 -3.97
C ASP A 57 -7.19 -27.53 -3.15
N GLY A 58 -6.30 -26.58 -3.46
CA GLY A 58 -6.54 -25.20 -3.10
C GLY A 58 -5.94 -24.80 -1.75
N TYR A 59 -5.25 -25.74 -1.08
CA TYR A 59 -4.64 -25.46 0.21
C TYR A 59 -3.16 -25.83 0.18
N VAL A 60 -2.38 -25.18 1.02
CA VAL A 60 -0.97 -25.50 1.20
C VAL A 60 -0.74 -25.91 2.65
N SER A 61 -0.25 -27.14 2.85
CA SER A 61 -0.09 -27.74 4.17
C SER A 61 1.23 -27.31 4.82
N THR A 62 1.17 -27.19 6.14
CA THR A 62 2.31 -26.88 6.98
C THR A 62 2.29 -27.74 8.24
N SER A 63 3.41 -27.73 8.95
CA SER A 63 3.58 -28.41 10.23
C SER A 63 3.68 -27.39 11.36
N ILE A 64 3.52 -27.87 12.59
CA ILE A 64 3.58 -27.00 13.76
C ILE A 64 4.97 -26.95 14.39
N SER A 65 5.98 -27.61 13.83
CA SER A 65 7.34 -27.49 14.37
C SER A 65 8.33 -27.65 13.23
N LEU A 66 9.56 -27.12 13.44
CA LEU A 66 10.61 -27.24 12.45
C LEU A 66 10.94 -28.73 12.31
N ARG A 67 10.94 -29.46 13.44
CA ARG A 67 11.37 -30.84 13.43
C ARG A 67 10.42 -31.66 12.55
N SER A 68 9.10 -31.46 12.72
CA SER A 68 8.12 -32.19 11.94
C SER A 68 8.26 -31.89 10.46
N ALA A 69 8.38 -30.59 10.13
CA ALA A 69 8.48 -30.21 8.74
C ALA A 69 9.71 -30.85 8.09
N HIS A 70 10.81 -30.92 8.85
CA HIS A 70 12.08 -31.43 8.32
C HIS A 70 11.98 -32.94 8.01
N LEU A 71 11.44 -33.70 8.95
CA LEU A 71 11.19 -35.13 8.80
C LEU A 71 10.29 -35.43 7.60
N VAL A 72 9.21 -34.64 7.48
CA VAL A 72 8.30 -34.80 6.35
C VAL A 72 9.06 -34.43 5.08
N GLY A 73 9.85 -33.34 5.15
CA GLY A 73 10.69 -32.92 4.03
C GLY A 73 11.57 -34.06 3.49
N GLN A 74 12.20 -34.82 4.39
N GLN A 74 12.23 -34.77 4.41
CA GLN A 74 13.20 -35.79 3.98
CA GLN A 74 13.17 -35.83 4.09
C GLN A 74 12.57 -37.02 3.32
C GLN A 74 12.51 -36.91 3.23
N THR A 75 11.32 -37.35 3.68
CA THR A 75 10.60 -38.44 3.03
C THR A 75 10.24 -38.05 1.60
N ILE A 76 10.14 -36.74 1.31
CA ILE A 76 9.63 -36.31 0.01
C ILE A 76 10.75 -35.74 -0.85
N LEU A 77 11.61 -34.88 -0.29
CA LEU A 77 12.53 -34.10 -1.11
C LEU A 77 13.98 -34.58 -0.95
N SER A 78 14.14 -35.83 -0.48
N SER A 78 14.19 -35.83 -0.50
CA SER A 78 15.45 -36.43 -0.21
CA SER A 78 15.53 -36.32 -0.18
C SER A 78 16.36 -36.31 -1.43
C SER A 78 16.40 -36.41 -1.43
N GLY A 79 15.78 -36.49 -2.62
CA GLY A 79 16.51 -36.47 -3.87
C GLY A 79 17.06 -35.09 -4.22
N HIS A 80 16.49 -34.02 -3.65
CA HIS A 80 16.92 -32.67 -3.96
C HIS A 80 18.21 -32.35 -3.19
N SER A 81 19.15 -31.74 -3.93
CA SER A 81 20.41 -31.29 -3.37
C SER A 81 20.14 -30.17 -2.37
N THR A 82 19.43 -29.13 -2.84
CA THR A 82 18.99 -28.06 -1.97
C THR A 82 17.46 -28.04 -1.94
N TYR A 83 16.89 -27.99 -0.73
CA TYR A 83 15.54 -27.46 -0.61
C TYR A 83 15.44 -26.50 0.58
N TYR A 84 14.23 -26.00 0.80
CA TYR A 84 14.02 -24.94 1.77
C TYR A 84 12.99 -25.40 2.79
N ILE A 85 13.17 -24.99 4.04
CA ILE A 85 12.05 -25.03 4.96
C ILE A 85 11.62 -23.60 5.27
N TYR A 86 10.39 -23.26 4.80
CA TYR A 86 9.83 -21.94 5.04
C TYR A 86 9.17 -21.87 6.43
N VAL A 87 9.35 -20.72 7.08
CA VAL A 87 8.88 -20.39 8.40
C VAL A 87 7.77 -19.36 8.20
N ILE A 88 6.59 -19.69 8.72
CA ILE A 88 5.36 -19.06 8.27
C ILE A 88 4.61 -18.57 9.52
N ALA A 89 4.13 -17.31 9.49
CA ALA A 89 3.29 -16.80 10.56
C ALA A 89 1.90 -17.43 10.53
N THR A 90 1.28 -17.50 11.71
CA THR A 90 -0.10 -17.88 11.83
C THR A 90 -1.00 -16.70 11.48
N ALA A 91 -2.06 -17.01 10.75
CA ALA A 91 -3.04 -16.02 10.37
C ALA A 91 -4.34 -16.75 10.02
N PRO A 92 -5.48 -16.04 9.91
CA PRO A 92 -6.77 -16.68 9.73
C PRO A 92 -7.07 -17.26 8.36
N ASN A 93 -6.07 -17.39 7.50
CA ASN A 93 -6.18 -18.26 6.33
C ASN A 93 -5.79 -19.69 6.61
N MET A 94 -5.27 -19.94 7.83
N MET A 94 -5.39 -19.96 7.85
CA MET A 94 -4.79 -21.26 8.23
CA MET A 94 -4.85 -21.27 8.19
C MET A 94 -5.86 -22.03 9.02
C MET A 94 -5.86 -22.04 9.03
N PHE A 95 -6.05 -23.30 8.66
CA PHE A 95 -7.02 -24.16 9.28
C PHE A 95 -6.30 -25.39 9.83
N ASN A 96 -6.52 -25.68 11.10
N ASN A 96 -6.58 -25.70 11.10
CA ASN A 96 -6.02 -26.93 11.65
CA ASN A 96 -6.15 -26.94 11.73
C ASN A 96 -6.91 -28.05 11.12
C ASN A 96 -6.96 -28.07 11.12
N VAL A 97 -6.30 -28.93 10.33
CA VAL A 97 -6.97 -29.94 9.56
C VAL A 97 -7.69 -30.92 10.47
N ASN A 98 -6.99 -31.41 11.50
CA ASN A 98 -7.63 -32.29 12.47
C ASN A 98 -8.87 -31.67 13.09
N ASP A 99 -8.80 -30.38 13.44
CA ASP A 99 -9.93 -29.77 14.14
C ASP A 99 -11.14 -29.62 13.22
N VAL A 100 -10.87 -29.27 11.98
CA VAL A 100 -11.93 -29.05 11.00
C VAL A 100 -12.55 -30.38 10.56
N LEU A 101 -11.71 -31.37 10.26
CA LEU A 101 -12.24 -32.63 9.73
C LEU A 101 -12.60 -33.63 10.83
N GLY A 102 -12.11 -33.37 12.05
CA GLY A 102 -12.57 -34.15 13.20
C GLY A 102 -12.20 -35.62 13.04
N ALA A 103 -13.13 -36.50 13.40
CA ALA A 103 -12.85 -37.94 13.32
C ALA A 103 -12.48 -38.38 11.90
N TYR A 104 -12.82 -37.56 10.88
CA TYR A 104 -12.65 -37.96 9.50
C TYR A 104 -11.34 -37.42 8.94
N SER A 105 -10.54 -36.78 9.79
CA SER A 105 -9.21 -36.35 9.37
C SER A 105 -8.43 -37.59 8.94
N PRO A 106 -7.88 -37.63 7.70
CA PRO A 106 -7.23 -38.83 7.19
C PRO A 106 -5.86 -39.16 7.75
N HIS A 107 -5.03 -38.16 8.09
CA HIS A 107 -3.70 -38.36 8.63
C HIS A 107 -3.50 -37.61 9.94
N PRO A 108 -4.25 -37.95 10.99
CA PRO A 108 -4.30 -37.14 12.20
C PRO A 108 -2.97 -37.03 12.93
N ASP A 109 -2.09 -38.03 12.79
CA ASP A 109 -0.79 -37.99 13.43
C ASP A 109 0.06 -36.87 12.81
N GLU A 110 -0.27 -36.45 11.57
CA GLU A 110 0.51 -35.46 10.84
C GLU A 110 0.31 -34.07 11.47
N GLN A 111 -0.79 -33.86 12.21
CA GLN A 111 -1.10 -32.57 12.82
C GLN A 111 -0.86 -31.41 11.85
N GLU A 112 -1.53 -31.41 10.70
CA GLU A 112 -1.24 -30.41 9.68
C GLU A 112 -2.10 -29.15 9.87
N VAL A 113 -1.58 -28.03 9.38
CA VAL A 113 -2.32 -26.77 9.36
C VAL A 113 -2.20 -26.25 7.94
N SER A 114 -3.34 -25.98 7.28
CA SER A 114 -3.35 -25.74 5.85
C SER A 114 -3.91 -24.35 5.53
N ALA A 115 -3.21 -23.67 4.62
CA ALA A 115 -3.53 -22.32 4.19
C ALA A 115 -4.46 -22.34 2.98
N LEU A 116 -5.66 -21.79 3.11
CA LEU A 116 -6.61 -21.74 2.01
C LEU A 116 -6.14 -20.68 1.01
N GLY A 117 -5.77 -21.15 -0.19
CA GLY A 117 -5.34 -20.30 -1.29
C GLY A 117 -3.82 -20.13 -1.33
N GLY A 118 -3.12 -20.82 -0.43
CA GLY A 118 -1.67 -20.73 -0.33
C GLY A 118 -1.27 -19.69 0.71
N ILE A 119 0.05 -19.43 0.79
CA ILE A 119 0.64 -18.57 1.79
C ILE A 119 1.32 -17.37 1.10
N PRO A 120 0.79 -16.16 1.30
CA PRO A 120 1.37 -14.96 0.73
C PRO A 120 2.80 -14.75 1.18
N TYR A 121 3.67 -14.22 0.29
CA TYR A 121 5.05 -13.96 0.63
C TYR A 121 5.15 -13.15 1.93
N SER A 122 4.24 -12.19 2.15
CA SER A 122 4.33 -11.31 3.31
C SER A 122 4.06 -12.06 4.62
N GLN A 123 3.53 -13.29 4.52
CA GLN A 123 3.26 -14.11 5.69
C GLN A 123 4.45 -15.05 6.00
N ILE A 124 5.48 -15.04 5.13
CA ILE A 124 6.64 -15.88 5.30
C ILE A 124 7.70 -15.09 6.07
N TYR A 125 8.03 -15.58 7.25
CA TYR A 125 9.02 -14.96 8.12
C TYR A 125 10.43 -15.12 7.58
N GLY A 126 10.74 -16.31 7.06
CA GLY A 126 12.11 -16.67 6.69
C GLY A 126 12.15 -18.09 6.14
N TRP A 127 13.35 -18.62 5.94
CA TRP A 127 13.55 -19.97 5.42
C TRP A 127 14.92 -20.48 5.87
N TYR A 128 14.98 -21.80 6.02
CA TYR A 128 16.22 -22.54 6.18
C TYR A 128 16.52 -23.26 4.86
N ARG A 129 17.81 -23.48 4.63
CA ARG A 129 18.25 -24.34 3.54
C ARG A 129 18.51 -25.74 4.11
N VAL A 130 18.22 -26.74 3.26
CA VAL A 130 18.48 -28.14 3.57
C VAL A 130 19.31 -28.69 2.41
N HIC A 131 20.42 -29.35 2.75
CA HIC A 131 21.40 -29.78 1.75
C HIC A 131 21.45 -31.30 1.65
O HIC A 131 22.02 -31.97 2.51
CB HIC A 131 22.75 -29.15 2.09
CG HIC A 131 22.71 -27.66 2.04
ND1 HIC A 131 22.19 -27.01 0.93
CD2 HIC A 131 23.06 -26.74 2.98
CE1 HIC A 131 22.28 -25.73 1.19
NE2 HIC A 131 22.81 -25.49 2.43
CZ HIC A 131 23.10 -24.22 3.09
N PHE A 132 20.79 -31.84 0.61
CA PHE A 132 20.73 -33.27 0.32
C PHE A 132 19.72 -33.94 1.24
N GLY A 133 19.11 -33.16 2.16
CA GLY A 133 18.42 -33.70 3.31
C GLY A 133 19.04 -33.25 4.64
N VAL A 134 20.17 -32.55 4.59
CA VAL A 134 20.81 -32.11 5.81
C VAL A 134 20.48 -30.64 6.11
N LEU A 135 19.97 -30.37 7.31
CA LEU A 135 19.46 -29.06 7.67
C LEU A 135 20.62 -28.10 7.93
N ASP A 136 20.63 -26.95 7.24
CA ASP A 136 21.43 -25.79 7.63
C ASP A 136 20.62 -24.95 8.61
N GLU A 137 21.15 -24.74 9.82
CA GLU A 137 20.41 -24.12 10.90
C GLU A 137 20.34 -22.59 10.77
N GLN A 138 20.83 -22.01 9.67
CA GLN A 138 20.82 -20.57 9.48
C GLN A 138 19.44 -20.12 8.96
N LEU A 139 18.77 -19.32 9.77
CA LEU A 139 17.46 -18.80 9.44
C LEU A 139 17.61 -17.49 8.65
N HIS A 140 17.28 -17.56 7.36
CA HIS A 140 17.31 -16.40 6.48
C HIS A 140 15.98 -15.65 6.60
N ARG A 141 16.03 -14.38 7.04
CA ARG A 141 14.82 -13.61 7.33
C ARG A 141 14.26 -13.04 6.03
N ASN A 142 12.92 -13.01 5.93
CA ASN A 142 12.24 -12.43 4.78
C ASN A 142 12.01 -10.94 4.99
N ARG A 143 12.58 -10.16 4.08
CA ARG A 143 12.46 -8.73 4.15
C ARG A 143 11.01 -8.28 4.02
N GLY A 144 10.22 -9.00 3.21
CA GLY A 144 8.84 -8.61 2.91
C GLY A 144 7.84 -9.06 3.98
N TYR A 145 8.36 -9.67 5.05
CA TYR A 145 7.54 -10.14 6.16
C TYR A 145 7.10 -8.97 7.04
N ARG A 146 5.85 -9.00 7.50
CA ARG A 146 5.31 -7.94 8.33
C ARG A 146 5.05 -8.40 9.76
N ASP A 147 5.97 -8.11 10.68
CA ASP A 147 5.91 -8.70 12.01
C ASP A 147 4.75 -8.19 12.86
N ARG A 148 4.53 -6.87 12.92
N ARG A 148 4.51 -6.87 12.90
CA ARG A 148 3.50 -6.36 13.80
CA ARG A 148 3.50 -6.33 13.80
C ARG A 148 2.13 -6.86 13.34
C ARG A 148 2.09 -6.66 13.31
N TYR A 149 1.92 -6.95 12.02
CA TYR A 149 0.62 -7.34 11.50
C TYR A 149 0.36 -8.80 11.86
N TYR A 150 1.34 -9.67 11.57
CA TYR A 150 1.11 -11.10 11.72
C TYR A 150 1.26 -11.57 13.17
N SER A 151 2.05 -10.89 14.00
N SER A 151 2.06 -10.87 13.98
CA SER A 151 2.16 -11.29 15.39
CA SER A 151 2.19 -11.20 15.39
C SER A 151 0.88 -10.95 16.16
C SER A 151 0.86 -11.04 16.10
N ASN A 152 -0.05 -10.25 15.50
CA ASN A 152 -1.31 -9.90 16.11
C ASN A 152 -2.42 -10.87 15.68
N LEU A 153 -2.07 -11.92 14.93
CA LEU A 153 -3.08 -12.79 14.35
C LEU A 153 -2.79 -14.24 14.71
N ASP A 154 -3.86 -15.03 14.66
CA ASP A 154 -3.85 -16.46 14.96
C ASP A 154 -4.40 -17.21 13.77
N ILE A 155 -4.35 -18.55 13.84
CA ILE A 155 -5.02 -19.35 12.82
C ILE A 155 -6.52 -19.14 12.90
N ALA A 156 -7.23 -19.59 11.86
CA ALA A 156 -8.68 -19.53 11.92
C ALA A 156 -9.20 -20.48 12.98
N PRO A 157 -10.24 -20.11 13.74
CA PRO A 157 -10.91 -21.10 14.55
C PRO A 157 -11.51 -22.17 13.66
N ALA A 158 -11.69 -23.38 14.21
CA ALA A 158 -12.21 -24.47 13.41
C ALA A 158 -13.63 -24.16 12.90
N ALA A 159 -14.40 -23.40 13.66
CA ALA A 159 -15.77 -23.07 13.29
C ALA A 159 -15.85 -22.25 12.00
N ASP A 160 -14.78 -21.56 11.63
CA ASP A 160 -14.71 -20.86 10.36
C ASP A 160 -14.47 -21.82 9.20
N GLY A 161 -14.02 -23.04 9.53
CA GLY A 161 -13.71 -24.05 8.53
C GLY A 161 -14.75 -25.16 8.39
N TYR A 162 -15.62 -25.39 9.40
CA TYR A 162 -16.51 -26.53 9.29
C TYR A 162 -17.36 -26.51 8.03
N GLY A 163 -17.84 -25.32 7.62
CA GLY A 163 -18.61 -25.18 6.39
C GLY A 163 -17.79 -25.38 5.11
N LEU A 164 -16.47 -25.34 5.21
CA LEU A 164 -15.54 -25.55 4.11
C LEU A 164 -14.96 -26.97 4.11
N ALA A 165 -15.52 -27.87 4.91
CA ALA A 165 -14.84 -29.12 5.21
C ALA A 165 -14.71 -29.91 3.90
N GLY A 166 -15.73 -29.87 3.06
CA GLY A 166 -15.67 -30.45 1.71
C GLY A 166 -15.95 -31.95 1.66
N PHE A 167 -16.63 -32.46 2.69
CA PHE A 167 -16.99 -33.86 2.69
C PHE A 167 -17.92 -34.12 1.50
N PRO A 168 -17.94 -35.37 1.01
CA PRO A 168 -18.88 -35.79 -0.03
C PRO A 168 -20.30 -35.36 0.26
N PRO A 169 -21.11 -35.01 -0.76
CA PRO A 169 -22.47 -34.57 -0.52
C PRO A 169 -23.28 -35.42 0.46
N GLU A 170 -23.15 -36.76 0.40
CA GLU A 170 -24.02 -37.63 1.19
C GLU A 170 -23.27 -38.25 2.39
N HIS A 171 -22.08 -37.74 2.69
CA HIS A 171 -21.29 -38.21 3.80
C HIS A 171 -22.02 -37.97 5.12
N ARG A 172 -21.79 -38.86 6.09
N ARG A 172 -21.82 -38.89 6.07
CA ARG A 172 -22.51 -38.80 7.34
CA ARG A 172 -22.48 -38.81 7.36
C ARG A 172 -22.09 -37.59 8.18
C ARG A 172 -22.16 -37.50 8.06
N ALA A 173 -20.96 -36.96 7.84
CA ALA A 173 -20.49 -35.80 8.60
C ALA A 173 -21.48 -34.64 8.51
N TRP A 174 -22.10 -34.46 7.32
CA TRP A 174 -23.00 -33.32 7.16
C TRP A 174 -24.25 -33.40 8.02
N ARG A 175 -24.48 -34.60 8.61
N ARG A 175 -24.59 -34.57 8.57
CA ARG A 175 -25.55 -34.81 9.57
CA ARG A 175 -25.79 -34.63 9.39
C ARG A 175 -24.99 -35.09 10.97
C ARG A 175 -25.42 -34.80 10.86
N GLU A 176 -23.73 -34.71 11.23
N GLU A 176 -24.15 -34.53 11.19
CA GLU A 176 -23.12 -34.89 12.53
CA GLU A 176 -23.64 -34.71 12.54
C GLU A 176 -22.71 -33.51 13.04
C GLU A 176 -23.08 -33.37 13.01
N GLU A 177 -22.93 -33.25 14.35
CA GLU A 177 -22.26 -32.10 14.94
C GLU A 177 -20.74 -32.25 14.84
N PRO A 178 -19.95 -31.19 14.57
CA PRO A 178 -20.44 -29.82 14.43
C PRO A 178 -20.96 -29.43 13.04
N TRP A 179 -20.65 -30.23 12.00
CA TRP A 179 -20.78 -29.75 10.63
C TRP A 179 -22.23 -29.47 10.25
N ILE A 180 -23.17 -30.19 10.84
CA ILE A 180 -24.57 -30.02 10.45
C ILE A 180 -24.97 -28.56 10.59
N HIS A 181 -24.34 -27.84 11.53
CA HIS A 181 -24.71 -26.44 11.78
C HIS A 181 -24.05 -25.49 10.78
N HIS A 182 -23.24 -26.01 9.86
CA HIS A 182 -22.46 -25.20 8.94
C HIS A 182 -22.58 -25.71 7.51
N ALA A 183 -23.38 -26.76 7.29
CA ALA A 183 -23.33 -27.47 6.03
C ALA A 183 -23.75 -26.57 4.87
N PRO A 184 -23.00 -26.46 3.76
CA PRO A 184 -23.48 -25.68 2.62
C PRO A 184 -24.80 -26.23 2.06
N PRO A 185 -25.61 -25.39 1.38
CA PRO A 185 -26.81 -25.88 0.73
C PRO A 185 -26.50 -27.09 -0.15
N GLY A 186 -27.25 -28.18 0.02
CA GLY A 186 -27.04 -29.36 -0.81
C GLY A 186 -26.16 -30.41 -0.15
N CYS A 187 -25.52 -30.04 0.96
CA CYS A 187 -24.63 -30.95 1.65
C CYS A 187 -25.41 -31.57 2.81
N GLY A 188 -26.05 -32.73 2.57
CA GLY A 188 -26.82 -33.40 3.60
C GLY A 188 -28.20 -32.78 3.82
N ASN A 189 -28.54 -31.76 3.01
CA ASN A 189 -29.76 -30.98 3.14
C ASN A 189 -30.25 -30.63 1.73
N ALA A 190 -31.51 -30.20 1.60
CA ALA A 190 -32.09 -29.93 0.28
C ALA A 190 -31.64 -28.54 -0.20
N MET A 195 -31.61 -29.66 -10.17
CA MET A 195 -30.20 -29.28 -10.43
C MET A 195 -29.24 -30.13 -9.59
N SER A 196 -28.41 -30.92 -10.28
CA SER A 196 -27.41 -31.76 -9.63
C SER A 196 -26.18 -30.93 -9.23
N ASN A 197 -25.41 -31.47 -8.28
CA ASN A 197 -24.06 -31.03 -7.95
C ASN A 197 -24.01 -29.79 -7.02
N THR A 198 -25.08 -29.52 -6.25
N THR A 198 -25.13 -29.49 -6.34
CA THR A 198 -25.21 -28.25 -5.55
CA THR A 198 -25.26 -28.29 -5.52
C THR A 198 -24.41 -28.21 -4.25
C THR A 198 -24.19 -28.26 -4.43
N CYS A 199 -24.02 -29.36 -3.69
CA CYS A 199 -23.08 -29.38 -2.57
C CYS A 199 -21.68 -28.98 -3.07
N ASP A 200 -21.23 -29.66 -4.14
N ASP A 200 -21.23 -29.65 -4.14
CA ASP A 200 -19.92 -29.41 -4.72
CA ASP A 200 -19.91 -29.40 -4.71
C ASP A 200 -19.79 -27.94 -5.14
C ASP A 200 -19.78 -27.94 -5.15
N GLU A 201 -20.80 -27.41 -5.84
CA GLU A 201 -20.77 -26.04 -6.34
C GLU A 201 -20.71 -25.01 -5.20
N LYS A 202 -21.52 -25.25 -4.16
N LYS A 202 -21.47 -25.24 -4.12
CA LYS A 202 -21.55 -24.36 -3.00
CA LYS A 202 -21.49 -24.28 -3.02
C LYS A 202 -20.22 -24.46 -2.23
C LYS A 202 -20.34 -24.49 -2.03
N THR A 203 -19.71 -25.68 -2.01
CA THR A 203 -18.45 -25.83 -1.31
C THR A 203 -17.40 -24.99 -2.03
N GLN A 204 -17.38 -25.11 -3.38
CA GLN A 204 -16.42 -24.37 -4.18
C GLN A 204 -16.68 -22.87 -4.01
N SER A 205 -17.94 -22.44 -4.11
CA SER A 205 -18.21 -21.01 -4.14
C SER A 205 -17.94 -20.40 -2.76
N LEU A 206 -18.14 -21.18 -1.68
CA LEU A 206 -17.81 -20.72 -0.33
C LEU A 206 -16.30 -20.56 -0.16
N GLY A 207 -15.52 -21.47 -0.74
CA GLY A 207 -14.07 -21.39 -0.72
C GLY A 207 -13.55 -20.17 -1.48
N VAL A 208 -14.14 -19.94 -2.67
CA VAL A 208 -13.77 -18.79 -3.48
C VAL A 208 -14.07 -17.50 -2.73
N LYS A 209 -15.25 -17.41 -2.12
CA LYS A 209 -15.63 -16.23 -1.38
C LYS A 209 -14.69 -15.99 -0.20
N PHE A 210 -14.32 -17.07 0.50
CA PHE A 210 -13.39 -16.96 1.61
C PHE A 210 -12.09 -16.36 1.08
N LEU A 211 -11.61 -16.92 -0.03
CA LEU A 211 -10.33 -16.49 -0.56
C LEU A 211 -10.39 -15.06 -1.08
N ASP A 212 -11.48 -14.68 -1.74
CA ASP A 212 -11.64 -13.31 -2.20
C ASP A 212 -11.56 -12.35 -1.02
N GLU A 213 -12.31 -12.66 0.05
CA GLU A 213 -12.30 -11.84 1.26
C GLU A 213 -10.92 -11.79 1.90
N TYR A 214 -10.23 -12.93 1.98
CA TYR A 214 -8.93 -12.97 2.64
C TYR A 214 -7.91 -12.16 1.81
N GLN A 215 -7.99 -12.30 0.49
CA GLN A 215 -7.08 -11.60 -0.39
C GLN A 215 -7.21 -10.08 -0.22
N SER A 216 -8.45 -9.61 -0.06
CA SER A 216 -8.67 -8.20 0.19
C SER A 216 -7.88 -7.74 1.41
N LYS A 217 -7.84 -8.55 2.49
CA LYS A 217 -7.10 -8.20 3.70
C LYS A 217 -5.59 -8.13 3.43
N VAL A 218 -5.07 -9.04 2.62
CA VAL A 218 -3.65 -9.06 2.33
C VAL A 218 -3.32 -7.82 1.48
N LYS A 219 -4.16 -7.55 0.47
CA LYS A 219 -3.92 -6.40 -0.39
C LYS A 219 -3.89 -5.14 0.46
N ARG A 220 -4.87 -5.03 1.34
CA ARG A 220 -4.91 -3.86 2.20
C ARG A 220 -3.60 -3.75 2.97
N GLN A 221 -3.07 -4.86 3.52
CA GLN A 221 -1.90 -4.79 4.38
C GLN A 221 -0.67 -4.35 3.58
N ILE A 222 -0.45 -4.96 2.41
N ILE A 222 -0.50 -4.89 2.38
CA ILE A 222 0.77 -4.74 1.64
CA ILE A 222 0.76 -4.79 1.65
C ILE A 222 0.66 -3.42 0.89
C ILE A 222 0.73 -3.64 0.64
N PHE A 223 -0.46 -3.23 0.17
CA PHE A 223 -0.54 -2.15 -0.82
C PHE A 223 -0.66 -0.78 -0.18
N SER A 224 -1.13 -0.72 1.06
CA SER A 224 -1.23 0.53 1.78
C SER A 224 0.15 1.19 1.97
N GLY A 225 1.24 0.41 1.82
CA GLY A 225 2.60 0.93 1.91
C GLY A 225 3.17 1.42 0.56
N TYR A 226 2.36 1.43 -0.49
N TYR A 226 2.37 1.35 -0.52
CA TYR A 226 2.79 1.94 -1.78
CA TYR A 226 2.77 1.91 -1.80
C TYR A 226 2.22 3.34 -1.95
C TYR A 226 2.28 3.36 -1.91
N GLN A 227 1.39 3.75 -0.99
CA GLN A 227 0.75 5.07 -1.01
C GLN A 227 1.82 6.13 -0.76
N SER A 228 1.99 7.06 -1.73
N SER A 228 2.04 6.99 -1.77
CA SER A 228 2.93 8.17 -1.64
CA SER A 228 2.87 8.17 -1.68
C SER A 228 2.14 9.49 -1.54
C SER A 228 1.97 9.38 -1.42
N GLU A 229 2.32 10.19 -0.41
CA GLU A 229 1.52 11.36 -0.07
C GLU A 229 1.97 12.56 -0.89
N ILE A 230 1.00 13.46 -1.21
CA ILE A 230 1.20 14.58 -2.13
C ILE A 230 0.94 15.92 -1.43
N ASP A 231 1.24 17.01 -2.16
CA ASP A 231 1.03 18.40 -1.76
C ASP A 231 1.81 18.71 -0.48
N THR B 1 -22.34 15.13 -17.52
CA THR B 1 -21.12 14.46 -16.99
C THR B 1 -21.15 12.98 -17.34
N PRO B 2 -20.06 12.43 -17.92
CA PRO B 2 -20.04 11.01 -18.24
C PRO B 2 -20.03 10.12 -17.01
N GLN B 3 -20.49 8.87 -17.18
CA GLN B 3 -20.54 7.91 -16.09
C GLN B 3 -19.51 6.81 -16.24
N ASN B 4 -18.75 6.84 -17.34
CA ASN B 4 -17.75 5.82 -17.58
C ASN B 4 -16.73 6.36 -18.57
N ILE B 5 -15.59 5.67 -18.68
CA ILE B 5 -14.48 6.15 -19.48
C ILE B 5 -14.81 6.16 -20.97
N THR B 6 -15.64 5.21 -21.43
N THR B 6 -15.64 5.22 -21.43
CA THR B 6 -15.98 5.13 -22.86
CA THR B 6 -15.96 5.13 -22.85
C THR B 6 -16.75 6.38 -23.28
C THR B 6 -16.74 6.37 -23.27
N ASP B 7 -17.76 6.75 -22.48
CA ASP B 7 -18.57 7.92 -22.77
C ASP B 7 -17.75 9.19 -22.62
N LEU B 8 -16.86 9.24 -21.62
CA LEU B 8 -15.98 10.39 -21.45
C LEU B 8 -15.13 10.57 -22.71
N CYS B 9 -14.56 9.47 -23.20
N CYS B 9 -14.57 9.46 -23.20
CA CYS B 9 -13.62 9.50 -24.30
CA CYS B 9 -13.61 9.50 -24.29
C CYS B 9 -14.29 10.01 -25.58
C CYS B 9 -14.30 10.01 -25.58
N ALA B 10 -15.55 9.60 -25.77
CA ALA B 10 -16.35 9.97 -26.93
C ALA B 10 -16.70 11.46 -26.95
N GLU B 11 -16.46 12.19 -25.85
CA GLU B 11 -16.70 13.64 -25.82
C GLU B 11 -15.63 14.38 -26.60
N TYR B 12 -14.51 13.73 -26.96
CA TYR B 12 -13.42 14.38 -27.67
C TYR B 12 -13.27 13.79 -29.06
N HIS B 13 -12.74 14.57 -30.01
CA HIS B 13 -12.56 14.11 -31.38
C HIS B 13 -11.29 13.26 -31.58
N ASN B 14 -10.18 13.67 -30.97
N ASN B 14 -10.18 13.69 -30.97
CA ASN B 14 -8.89 13.12 -31.28
CA ASN B 14 -8.86 13.13 -31.27
C ASN B 14 -8.46 12.07 -30.26
C ASN B 14 -8.44 12.05 -30.26
N THR B 15 -9.44 11.34 -29.70
CA THR B 15 -9.18 10.34 -28.68
C THR B 15 -9.66 8.97 -29.16
N GLN B 16 -9.15 7.93 -28.53
CA GLN B 16 -9.68 6.59 -28.71
C GLN B 16 -9.50 5.80 -27.42
N ILE B 17 -10.31 4.77 -27.26
CA ILE B 17 -10.15 3.79 -26.19
C ILE B 17 -9.20 2.68 -26.62
N HIS B 18 -8.29 2.32 -25.74
CA HIS B 18 -7.62 1.02 -25.80
C HIS B 18 -8.10 0.17 -24.64
N THR B 19 -8.48 -1.08 -24.92
CA THR B 19 -8.90 -2.02 -23.89
C THR B 19 -7.76 -2.98 -23.65
N LEU B 20 -7.20 -2.94 -22.43
CA LEU B 20 -6.03 -3.72 -22.10
C LEU B 20 -6.38 -4.92 -21.24
N ASN B 21 -7.20 -4.71 -20.20
CA ASN B 21 -7.49 -5.74 -19.21
C ASN B 21 -6.21 -6.47 -18.81
N ASP B 22 -5.19 -5.71 -18.40
CA ASP B 22 -3.91 -6.27 -18.07
C ASP B 22 -3.17 -5.34 -17.13
N LYS B 23 -2.22 -5.89 -16.38
CA LYS B 23 -1.36 -5.07 -15.54
C LYS B 23 -0.29 -4.41 -16.43
N ILE B 24 0.28 -3.33 -15.91
CA ILE B 24 1.35 -2.60 -16.56
C ILE B 24 2.62 -3.45 -16.49
N PHE B 25 3.27 -3.55 -17.66
CA PHE B 25 4.49 -4.34 -17.81
C PHE B 25 5.72 -3.55 -17.38
N SER B 26 5.79 -2.26 -17.75
CA SER B 26 6.92 -1.42 -17.35
C SER B 26 6.45 0.01 -17.09
N TYR B 27 7.20 0.68 -16.21
CA TYR B 27 6.95 2.05 -15.81
C TYR B 27 8.28 2.78 -15.93
N THR B 28 8.28 3.89 -16.67
CA THR B 28 9.47 4.69 -16.84
C THR B 28 9.12 6.13 -16.46
N GLU B 29 10.05 6.78 -15.74
CA GLU B 29 9.84 8.16 -15.33
C GLU B 29 11.10 8.95 -15.59
N SER B 30 10.92 10.18 -16.08
CA SER B 30 12.03 11.05 -16.43
C SER B 30 11.90 12.42 -15.79
N LEU B 31 13.02 12.93 -15.26
CA LEU B 31 13.10 14.30 -14.78
C LEU B 31 13.92 15.18 -15.74
N ALA B 32 14.39 14.62 -16.85
CA ALA B 32 15.26 15.35 -17.75
C ALA B 32 14.50 16.53 -18.34
N GLY B 33 15.20 17.65 -18.54
CA GLY B 33 14.58 18.91 -18.97
C GLY B 33 13.87 18.75 -20.30
N LYS B 34 12.61 19.18 -20.35
CA LYS B 34 11.72 19.09 -21.51
C LYS B 34 11.19 17.68 -21.74
N ARG B 35 11.56 16.71 -20.87
CA ARG B 35 11.04 15.36 -20.95
C ARG B 35 10.61 14.90 -19.56
N GLU B 36 9.95 15.80 -18.81
CA GLU B 36 9.43 15.50 -17.49
C GLU B 36 8.10 14.76 -17.66
N MET B 37 8.19 13.43 -17.71
CA MET B 37 7.11 12.61 -18.23
C MET B 37 7.19 11.19 -17.65
N ALA B 38 6.14 10.42 -17.90
CA ALA B 38 6.11 9.00 -17.60
C ALA B 38 5.70 8.24 -18.87
N ILE B 39 6.22 7.02 -18.98
CA ILE B 39 5.90 6.10 -20.05
C ILE B 39 5.55 4.75 -19.44
N ILE B 40 4.45 4.14 -19.89
CA ILE B 40 4.15 2.77 -19.50
C ILE B 40 4.07 1.90 -20.74
N THR B 41 4.34 0.60 -20.54
CA THR B 41 4.09 -0.39 -21.58
C THR B 41 3.33 -1.55 -20.98
N PHE B 42 2.68 -2.30 -21.88
CA PHE B 42 2.01 -3.55 -21.61
C PHE B 42 2.74 -4.67 -22.34
N LYS B 43 2.48 -5.92 -21.97
N LYS B 43 2.48 -5.92 -21.97
CA LYS B 43 3.27 -7.02 -22.47
CA LYS B 43 3.27 -7.02 -22.47
C LYS B 43 3.03 -7.23 -23.96
C LYS B 43 3.03 -7.23 -23.96
N ASN B 44 1.89 -6.74 -24.49
CA ASN B 44 1.61 -6.82 -25.93
C ASN B 44 2.43 -5.79 -26.71
N GLY B 45 3.21 -4.93 -26.05
CA GLY B 45 3.98 -3.90 -26.72
C GLY B 45 3.32 -2.52 -26.73
N ALA B 46 2.06 -2.42 -26.33
CA ALA B 46 1.40 -1.12 -26.33
C ALA B 46 2.12 -0.16 -25.38
N THR B 47 2.38 1.06 -25.84
CA THR B 47 3.18 2.05 -25.12
C THR B 47 2.37 3.33 -25.01
N PHE B 48 2.39 3.96 -23.83
CA PHE B 48 1.62 5.17 -23.58
C PHE B 48 2.46 6.15 -22.79
N GLN B 49 2.19 7.45 -22.99
CA GLN B 49 2.83 8.48 -22.20
C GLN B 49 1.81 9.28 -21.39
N VAL B 50 2.30 9.87 -20.30
CA VAL B 50 1.74 11.06 -19.73
C VAL B 50 2.58 12.22 -20.26
N GLU B 51 1.91 13.14 -20.99
CA GLU B 51 2.64 14.17 -21.70
C GLU B 51 3.35 15.11 -20.73
N VAL B 52 4.44 15.66 -21.21
CA VAL B 52 5.08 16.81 -20.59
C VAL B 52 4.05 17.94 -20.56
N PRO B 53 3.84 18.61 -19.40
CA PRO B 53 2.92 19.72 -19.35
C PRO B 53 3.36 20.84 -20.32
N GLY B 54 2.41 21.39 -21.07
CA GLY B 54 2.73 22.36 -22.10
C GLY B 54 1.52 23.24 -22.42
N SER B 55 1.64 24.00 -23.51
CA SER B 55 0.63 24.99 -23.86
C SER B 55 -0.65 24.32 -24.39
N GLN B 56 -0.60 23.01 -24.70
CA GLN B 56 -1.80 22.28 -25.06
C GLN B 56 -2.68 21.97 -23.84
N HIS B 57 -2.17 22.27 -22.64
CA HIS B 57 -2.88 21.98 -21.40
C HIS B 57 -3.42 23.28 -20.80
N ILE B 58 -4.66 23.25 -20.32
CA ILE B 58 -5.19 24.36 -19.54
C ILE B 58 -4.79 24.16 -18.08
N ASP B 59 -4.89 25.24 -17.30
N ASP B 59 -4.89 25.24 -17.30
CA ASP B 59 -4.35 25.24 -15.95
CA ASP B 59 -4.38 25.28 -15.94
C ASP B 59 -4.96 24.12 -15.11
C ASP B 59 -4.96 24.12 -15.11
N SER B 60 -6.26 23.85 -15.27
CA SER B 60 -6.94 22.81 -14.50
C SER B 60 -6.36 21.41 -14.74
N GLN B 61 -5.66 21.22 -15.87
CA GLN B 61 -5.10 19.91 -16.18
C GLN B 61 -3.76 19.64 -15.48
N LYS B 62 -3.08 20.70 -15.02
CA LYS B 62 -1.71 20.55 -14.54
C LYS B 62 -1.69 19.61 -13.33
N LYS B 63 -2.63 19.81 -12.39
N LYS B 63 -2.63 19.80 -12.40
CA LYS B 63 -2.71 18.98 -11.20
CA LYS B 63 -2.71 18.98 -11.20
C LYS B 63 -3.10 17.55 -11.59
C LYS B 63 -3.11 17.56 -11.59
N ALA B 64 -3.97 17.42 -12.61
CA ALA B 64 -4.45 16.12 -13.03
C ALA B 64 -3.34 15.32 -13.71
N ILE B 65 -2.45 16.00 -14.44
CA ILE B 65 -1.26 15.35 -15.00
C ILE B 65 -0.40 14.75 -13.89
N GLU B 66 -0.17 15.51 -12.82
CA GLU B 66 0.62 15.02 -11.70
C GLU B 66 -0.08 13.82 -11.05
N ARG B 67 -1.40 13.91 -10.87
CA ARG B 67 -2.14 12.82 -10.27
C ARG B 67 -2.04 11.56 -11.13
N MET B 68 -2.12 11.73 -12.46
CA MET B 68 -2.08 10.57 -13.34
C MET B 68 -0.75 9.83 -13.20
N LYS B 69 0.34 10.58 -13.10
CA LYS B 69 1.65 9.96 -12.93
C LYS B 69 1.71 9.17 -11.61
N ASP B 70 1.12 9.74 -10.55
CA ASP B 70 1.01 9.03 -9.29
C ASP B 70 0.21 7.73 -9.47
N THR B 71 -0.92 7.80 -10.18
CA THR B 71 -1.78 6.64 -10.40
C THR B 71 -1.04 5.54 -11.14
N LEU B 72 -0.29 5.88 -12.19
CA LEU B 72 0.38 4.88 -13.00
C LEU B 72 1.49 4.20 -12.19
N ARG B 73 2.21 4.96 -11.38
CA ARG B 73 3.26 4.37 -10.56
C ARG B 73 2.68 3.34 -9.58
N ILE B 74 1.63 3.71 -8.86
CA ILE B 74 1.07 2.79 -7.88
C ILE B 74 0.33 1.63 -8.56
N ALA B 75 -0.30 1.86 -9.72
CA ALA B 75 -0.90 0.76 -10.47
C ALA B 75 0.17 -0.26 -10.88
N TYR B 76 1.31 0.26 -11.35
CA TYR B 76 2.41 -0.59 -11.75
C TYR B 76 2.87 -1.43 -10.54
N LEU B 77 3.12 -0.78 -9.42
CA LEU B 77 3.72 -1.45 -8.27
C LEU B 77 2.77 -2.48 -7.66
N THR B 78 1.45 -2.22 -7.71
CA THR B 78 0.46 -3.12 -7.15
C THR B 78 -0.01 -4.17 -8.15
N GLU B 79 0.47 -4.12 -9.38
CA GLU B 79 0.07 -5.01 -10.46
C GLU B 79 -1.44 -4.95 -10.68
N ALA B 80 -2.02 -3.76 -10.48
CA ALA B 80 -3.45 -3.61 -10.67
C ALA B 80 -3.77 -3.72 -12.16
N LYS B 81 -4.86 -4.43 -12.45
N LYS B 81 -4.86 -4.42 -12.45
CA LYS B 81 -5.32 -4.57 -13.82
CA LYS B 81 -5.31 -4.57 -13.82
C LYS B 81 -5.87 -3.24 -14.33
C LYS B 81 -5.87 -3.24 -14.33
N VAL B 82 -5.30 -2.78 -15.44
CA VAL B 82 -5.86 -1.65 -16.17
C VAL B 82 -6.93 -2.19 -17.11
N GLU B 83 -8.12 -1.60 -17.03
CA GLU B 83 -9.20 -1.97 -17.90
C GLU B 83 -9.02 -1.28 -19.24
N LYS B 84 -9.23 0.04 -19.25
CA LYS B 84 -9.15 0.81 -20.49
C LYS B 84 -8.30 2.06 -20.27
N LEU B 85 -7.70 2.53 -21.36
CA LEU B 85 -7.15 3.86 -21.43
C LEU B 85 -7.88 4.65 -22.51
N CYS B 86 -8.21 5.91 -22.19
N CYS B 86 -8.21 5.91 -22.19
CA CYS B 86 -8.59 6.89 -23.17
CA CYS B 86 -8.59 6.90 -23.17
C CYS B 86 -7.34 7.71 -23.51
C CYS B 86 -7.34 7.71 -23.51
N VAL B 87 -7.00 7.81 -24.80
CA VAL B 87 -5.75 8.45 -25.20
C VAL B 87 -5.99 9.41 -26.36
N TRP B 88 -5.14 10.44 -26.45
CA TRP B 88 -5.02 11.26 -27.66
C TRP B 88 -4.10 10.57 -28.64
N ASN B 89 -4.57 10.34 -29.86
CA ASN B 89 -3.83 9.53 -30.80
C ASN B 89 -3.14 10.40 -31.86
N ASN B 90 -3.09 11.70 -31.63
N ASN B 90 -3.08 11.71 -31.66
CA ASN B 90 -2.27 12.60 -32.44
CA ASN B 90 -2.21 12.52 -32.54
C ASN B 90 -0.88 12.79 -31.82
C ASN B 90 -0.82 12.72 -31.93
N LYS B 91 -0.54 11.95 -30.83
N LYS B 91 -0.55 12.02 -30.83
CA LYS B 91 0.78 11.95 -30.24
CA LYS B 91 0.78 11.95 -30.24
C LYS B 91 1.31 10.52 -30.31
C LYS B 91 1.31 10.52 -30.31
N THR B 92 2.65 10.42 -30.32
CA THR B 92 3.35 9.15 -30.37
C THR B 92 4.43 9.12 -29.31
N PRO B 93 4.38 8.25 -28.29
CA PRO B 93 3.25 7.34 -28.07
C PRO B 93 1.95 8.05 -27.74
N HIS B 94 0.86 7.30 -27.82
CA HIS B 94 -0.45 7.84 -27.48
C HIS B 94 -0.38 8.44 -26.08
N ALA B 95 -1.06 9.57 -25.90
CA ALA B 95 -1.01 10.33 -24.66
C ALA B 95 -2.26 10.06 -23.83
N ILE B 96 -2.08 9.67 -22.58
CA ILE B 96 -3.19 9.25 -21.74
C ILE B 96 -4.01 10.48 -21.34
N ALA B 97 -5.32 10.36 -21.52
CA ALA B 97 -6.31 11.32 -21.05
C ALA B 97 -7.09 10.77 -19.85
N ALA B 98 -7.32 9.46 -19.82
CA ALA B 98 -8.05 8.84 -18.70
C ALA B 98 -7.69 7.36 -18.60
N ILE B 99 -7.90 6.83 -17.40
CA ILE B 99 -7.67 5.43 -17.09
C ILE B 99 -8.86 4.90 -16.32
N SER B 100 -9.19 3.64 -16.59
CA SER B 100 -10.10 2.88 -15.76
C SER B 100 -9.44 1.61 -15.29
N MET B 101 -9.70 1.26 -14.03
N MET B 101 -9.72 1.27 -14.03
CA MET B 101 -9.21 0.05 -13.43
CA MET B 101 -9.22 0.05 -13.43
C MET B 101 -10.40 -0.73 -12.88
C MET B 101 -10.41 -0.73 -12.88
N ALA B 102 -10.44 -2.01 -13.24
CA ALA B 102 -11.45 -2.95 -12.76
C ALA B 102 -10.84 -4.34 -12.95
N ASN B 103 -11.28 -5.32 -12.18
CA ASN B 103 -10.80 -6.70 -12.37
C ASN B 103 -11.56 -7.43 -13.49
N THR C 1 -20.12 20.30 15.92
N THR C 1 -20.61 20.23 15.94
CA THR C 1 -19.38 19.52 14.91
CA THR C 1 -19.73 19.62 14.93
C THR C 1 -19.95 18.11 14.83
C THR C 1 -20.01 18.12 14.83
N PRO C 2 -20.28 17.57 13.63
CA PRO C 2 -20.79 16.20 13.55
C PRO C 2 -19.75 15.17 13.94
N GLN C 3 -20.22 14.02 14.45
CA GLN C 3 -19.34 12.96 14.92
C GLN C 3 -19.42 11.73 14.00
N ASN C 4 -20.25 11.81 12.96
CA ASN C 4 -20.38 10.70 12.03
C ASN C 4 -20.89 11.23 10.71
N ILE C 5 -20.80 10.38 9.67
CA ILE C 5 -21.07 10.79 8.31
C ILE C 5 -22.55 11.09 8.12
N THR C 6 -23.43 10.37 8.83
CA THR C 6 -24.86 10.56 8.69
C THR C 6 -25.26 11.95 9.16
N ASP C 7 -24.78 12.34 10.34
CA ASP C 7 -25.11 13.65 10.91
C ASP C 7 -24.46 14.77 10.08
N LEU C 8 -23.24 14.52 9.59
N LEU C 8 -23.25 14.53 9.58
CA LEU C 8 -22.61 15.50 8.71
CA LEU C 8 -22.60 15.51 8.72
C LEU C 8 -23.47 15.72 7.47
C LEU C 8 -23.46 15.72 7.47
N CYS C 9 -23.94 14.62 6.88
N CYS C 9 -23.93 14.63 6.88
CA CYS C 9 -24.67 14.66 5.62
CA CYS C 9 -24.67 14.66 5.62
C CYS C 9 -25.96 15.46 5.76
C CYS C 9 -25.95 15.47 5.77
N ALA C 10 -26.61 15.31 6.93
CA ALA C 10 -27.87 15.98 7.23
C ALA C 10 -27.71 17.50 7.35
N GLU C 11 -26.46 18.01 7.45
CA GLU C 11 -26.25 19.44 7.54
C GLU C 11 -26.43 20.11 6.17
N TYR C 12 -26.48 19.34 5.08
CA TYR C 12 -26.49 19.90 3.75
C TYR C 12 -27.81 19.60 3.07
N HIS C 13 -28.22 20.52 2.19
CA HIS C 13 -29.36 20.31 1.31
C HIS C 13 -28.96 19.40 0.15
N ASN C 14 -29.95 18.65 -0.34
CA ASN C 14 -29.83 17.85 -1.53
C ASN C 14 -28.78 16.74 -1.36
N THR C 15 -28.70 16.15 -0.15
N THR C 15 -28.70 16.14 -0.16
CA THR C 15 -27.78 15.04 0.06
CA THR C 15 -27.78 15.04 0.07
C THR C 15 -28.54 13.80 0.47
C THR C 15 -28.54 13.79 0.47
N GLN C 16 -27.87 12.65 0.35
CA GLN C 16 -28.37 11.42 0.94
C GLN C 16 -27.18 10.53 1.24
N ILE C 17 -27.41 9.58 2.15
CA ILE C 17 -26.45 8.53 2.46
C ILE C 17 -26.74 7.35 1.55
N HIS C 18 -25.68 6.79 0.95
CA HIS C 18 -25.71 5.45 0.41
C HIS C 18 -24.88 4.55 1.32
N THR C 19 -25.47 3.41 1.72
N THR C 19 -25.47 3.42 1.74
CA THR C 19 -24.77 2.43 2.54
CA THR C 19 -24.77 2.43 2.54
C THR C 19 -24.35 1.28 1.62
C THR C 19 -24.35 1.29 1.63
N LEU C 20 -23.04 1.13 1.44
CA LEU C 20 -22.52 0.19 0.46
C LEU C 20 -21.96 -1.04 1.16
N ASN C 21 -21.18 -0.85 2.23
CA ASN C 21 -20.46 -1.92 2.90
C ASN C 21 -19.86 -2.87 1.87
N ASP C 22 -19.07 -2.31 0.94
CA ASP C 22 -18.47 -3.12 -0.10
C ASP C 22 -17.26 -2.37 -0.64
N LYS C 23 -16.35 -3.14 -1.26
CA LYS C 23 -15.20 -2.55 -1.91
C LYS C 23 -15.64 -1.92 -3.22
N ILE C 24 -14.82 -0.99 -3.70
CA ILE C 24 -15.04 -0.33 -4.96
C ILE C 24 -14.76 -1.32 -6.10
N PHE C 25 -15.68 -1.36 -7.06
CA PHE C 25 -15.60 -2.30 -8.18
C PHE C 25 -14.73 -1.73 -9.30
N SER C 26 -14.86 -0.42 -9.59
CA SER C 26 -14.02 0.21 -10.60
C SER C 26 -13.65 1.63 -10.17
N TYR C 27 -12.49 2.07 -10.64
CA TYR C 27 -11.98 3.40 -10.42
C TYR C 27 -11.56 3.98 -11.77
N THR C 28 -12.07 5.19 -12.08
CA THR C 28 -11.74 5.87 -13.32
C THR C 28 -11.24 7.26 -12.97
N GLU C 29 -10.17 7.68 -13.66
CA GLU C 29 -9.61 8.99 -13.44
C GLU C 29 -9.29 9.63 -14.78
N SER C 30 -9.59 10.93 -14.90
CA SER C 30 -9.41 11.68 -16.13
C SER C 30 -8.65 12.97 -15.90
N LEU C 31 -7.73 13.30 -16.82
CA LEU C 31 -7.07 14.58 -16.88
C LEU C 31 -7.53 15.37 -18.12
N ALA C 32 -8.54 14.88 -18.83
CA ALA C 32 -9.03 15.59 -20.01
C ALA C 32 -9.62 16.95 -19.61
N GLY C 33 -9.37 17.98 -20.42
CA GLY C 33 -9.73 19.36 -20.06
C GLY C 33 -11.24 19.49 -19.80
N LYS C 34 -11.58 20.07 -18.65
CA LYS C 34 -12.95 20.27 -18.16
C LYS C 34 -13.57 18.97 -17.64
N ARG C 35 -12.82 17.86 -17.63
CA ARG C 35 -13.26 16.59 -17.09
C ARG C 35 -12.17 16.01 -16.18
N GLU C 36 -11.56 16.90 -15.37
CA GLU C 36 -10.54 16.52 -14.41
C GLU C 36 -11.25 15.99 -13.17
N MET C 37 -11.51 14.68 -13.15
N MET C 37 -11.50 14.67 -13.15
CA MET C 37 -12.45 14.09 -12.22
CA MET C 37 -12.43 14.08 -12.20
C MET C 37 -12.11 12.61 -11.98
C MET C 37 -12.11 12.60 -11.99
N ALA C 38 -12.76 12.04 -10.98
CA ALA C 38 -12.72 10.61 -10.72
C ALA C 38 -14.16 10.08 -10.64
N ILE C 39 -14.32 8.82 -11.05
CA ILE C 39 -15.58 8.12 -11.05
C ILE C 39 -15.34 6.75 -10.42
N ILE C 40 -16.19 6.34 -9.47
CA ILE C 40 -16.14 5.01 -8.94
C ILE C 40 -17.48 4.30 -9.18
N THR C 41 -17.42 2.97 -9.28
CA THR C 41 -18.63 2.16 -9.29
C THR C 41 -18.49 1.04 -8.29
N PHE C 42 -19.66 0.52 -7.88
CA PHE C 42 -19.78 -0.66 -7.06
C PHE C 42 -20.46 -1.76 -7.88
N LYS C 43 -20.37 -2.99 -7.40
N LYS C 43 -20.36 -3.00 -7.41
CA LYS C 43 -20.82 -4.13 -8.19
CA LYS C 43 -20.82 -4.13 -8.20
C LYS C 43 -22.34 -4.10 -8.35
C LYS C 43 -22.34 -4.10 -8.35
N ASN C 44 -23.05 -3.37 -7.49
CA ASN C 44 -24.51 -3.21 -7.64
C ASN C 44 -24.86 -2.24 -8.77
N GLY C 45 -23.87 -1.60 -9.41
CA GLY C 45 -24.12 -0.65 -10.47
C GLY C 45 -24.08 0.81 -10.02
N ALA C 46 -24.09 1.06 -8.73
CA ALA C 46 -24.07 2.44 -8.25
C ALA C 46 -22.77 3.13 -8.72
N THR C 47 -22.92 4.36 -9.19
CA THR C 47 -21.85 5.12 -9.79
C THR C 47 -21.77 6.49 -9.10
N PHE C 48 -20.56 6.93 -8.77
CA PHE C 48 -20.36 8.18 -8.07
C PHE C 48 -19.17 8.95 -8.64
N GLN C 49 -19.25 10.28 -8.58
CA GLN C 49 -18.16 11.12 -9.05
C GLN C 49 -17.59 11.94 -7.90
N VAL C 50 -16.31 12.31 -8.07
CA VAL C 50 -15.77 13.50 -7.44
C VAL C 50 -15.81 14.60 -8.51
N GLU C 51 -16.55 15.66 -8.23
CA GLU C 51 -16.84 16.67 -9.23
C GLU C 51 -15.56 17.37 -9.68
N VAL C 52 -15.57 17.80 -10.94
CA VAL C 52 -14.59 18.74 -11.46
C VAL C 52 -14.65 19.99 -10.60
N PRO C 53 -13.52 20.52 -10.10
CA PRO C 53 -13.52 21.76 -9.34
C PRO C 53 -14.13 22.90 -10.15
N GLY C 54 -15.01 23.68 -9.51
CA GLY C 54 -15.67 24.76 -10.22
C GLY C 54 -16.23 25.80 -9.25
N SER C 55 -17.09 26.65 -9.81
CA SER C 55 -17.59 27.80 -9.06
C SER C 55 -18.59 27.36 -8.00
N GLN C 56 -19.06 26.09 -8.03
CA GLN C 56 -19.91 25.58 -6.97
C GLN C 56 -19.09 25.24 -5.72
N HIS C 57 -17.76 25.34 -5.79
CA HIS C 57 -16.89 24.98 -4.69
C HIS C 57 -16.26 26.24 -4.08
N ILE C 58 -16.12 26.27 -2.75
CA ILE C 58 -15.39 27.35 -2.11
C ILE C 58 -13.92 26.93 -2.01
N ASP C 59 -13.06 27.93 -1.76
CA ASP C 59 -11.62 27.74 -1.81
C ASP C 59 -11.17 26.63 -0.87
N SER C 60 -11.78 26.57 0.33
CA SER C 60 -11.41 25.59 1.35
C SER C 60 -11.64 24.15 0.88
N GLN C 61 -12.49 23.96 -0.11
CA GLN C 61 -12.77 22.60 -0.61
C GLN C 61 -11.75 22.08 -1.61
N LYS C 62 -10.94 22.96 -2.20
N LYS C 62 -10.93 22.96 -2.20
CA LYS C 62 -10.09 22.56 -3.33
CA LYS C 62 -10.07 22.57 -3.31
C LYS C 62 -9.12 21.45 -2.90
C LYS C 62 -9.10 21.45 -2.88
N LYS C 63 -8.50 21.62 -1.73
N LYS C 63 -8.49 21.61 -1.71
CA LYS C 63 -7.56 20.65 -1.18
CA LYS C 63 -7.54 20.64 -1.17
C LYS C 63 -8.29 19.36 -0.82
C LYS C 63 -8.29 19.36 -0.80
N ALA C 64 -9.54 19.50 -0.32
CA ALA C 64 -10.33 18.35 0.11
C ALA C 64 -10.76 17.50 -1.09
N ILE C 65 -11.06 18.16 -2.22
CA ILE C 65 -11.39 17.46 -3.46
C ILE C 65 -10.20 16.58 -3.88
N GLU C 66 -8.98 17.15 -3.80
CA GLU C 66 -7.78 16.40 -4.16
C GLU C 66 -7.59 15.22 -3.21
N ARG C 67 -7.78 15.46 -1.91
CA ARG C 67 -7.61 14.41 -0.92
C ARG C 67 -8.61 13.26 -1.18
N MET C 68 -9.86 13.62 -1.53
CA MET C 68 -10.87 12.60 -1.73
C MET C 68 -10.48 11.67 -2.89
N LYS C 69 -9.94 12.25 -3.97
CA LYS C 69 -9.49 11.44 -5.10
C LYS C 69 -8.36 10.50 -4.67
N ASP C 70 -7.46 10.99 -3.83
CA ASP C 70 -6.41 10.15 -3.27
C ASP C 70 -7.02 9.00 -2.47
N THR C 71 -8.02 9.30 -1.63
CA THR C 71 -8.63 8.30 -0.76
C THR C 71 -9.31 7.22 -1.60
N LEU C 72 -10.02 7.62 -2.67
CA LEU C 72 -10.77 6.66 -3.48
C LEU C 72 -9.78 5.74 -4.21
N ARG C 73 -8.69 6.29 -4.74
CA ARG C 73 -7.71 5.48 -5.46
C ARG C 73 -7.13 4.42 -4.54
N ILE C 74 -6.68 4.82 -3.33
CA ILE C 74 -6.05 3.85 -2.45
C ILE C 74 -7.09 2.87 -1.89
N ALA C 75 -8.31 3.31 -1.65
CA ALA C 75 -9.37 2.41 -1.21
C ALA C 75 -9.64 1.35 -2.29
N TYR C 76 -9.69 1.79 -3.55
CA TYR C 76 -9.88 0.89 -4.67
C TYR C 76 -8.75 -0.15 -4.69
N LEU C 77 -7.51 0.31 -4.63
CA LEU C 77 -6.37 -0.57 -4.83
C LEU C 77 -6.23 -1.57 -3.68
N THR C 78 -6.60 -1.16 -2.45
CA THR C 78 -6.49 -2.02 -1.28
C THR C 78 -7.74 -2.86 -1.04
N GLU C 79 -8.77 -2.69 -1.88
CA GLU C 79 -10.05 -3.36 -1.72
C GLU C 79 -10.66 -3.07 -0.35
N ALA C 80 -10.45 -1.85 0.15
CA ALA C 80 -10.99 -1.46 1.45
C ALA C 80 -12.50 -1.35 1.32
N LYS C 81 -13.22 -1.88 2.32
CA LYS C 81 -14.66 -1.74 2.36
C LYS C 81 -15.04 -0.28 2.59
N VAL C 82 -15.87 0.25 1.69
CA VAL C 82 -16.54 1.51 1.88
C VAL C 82 -17.80 1.24 2.70
N GLU C 83 -17.96 1.94 3.81
CA GLU C 83 -19.17 1.81 4.61
C GLU C 83 -20.28 2.64 3.96
N LYS C 84 -20.17 3.98 4.06
CA LYS C 84 -21.17 4.88 3.52
C LYS C 84 -20.53 5.93 2.64
N LEU C 85 -21.32 6.45 1.71
CA LEU C 85 -21.02 7.70 1.04
C LEU C 85 -22.14 8.69 1.35
N CYS C 86 -21.76 9.93 1.64
N CYS C 86 -21.76 9.94 1.63
CA CYS C 86 -22.66 11.07 1.60
CA CYS C 86 -22.66 11.08 1.60
C CYS C 86 -22.49 11.73 0.24
C CYS C 86 -22.50 11.73 0.24
N VAL C 87 -23.61 11.88 -0.49
CA VAL C 87 -23.57 12.42 -1.83
C VAL C 87 -24.62 13.51 -2.03
N TRP C 88 -24.32 14.41 -2.97
CA TRP C 88 -25.29 15.33 -3.53
C TRP C 88 -26.03 14.60 -4.65
N ASN C 89 -27.38 14.56 -4.54
CA ASN C 89 -28.18 13.82 -5.51
C ASN C 89 -28.80 14.74 -6.55
N ASN C 90 -28.36 16.00 -6.62
CA ASN C 90 -28.75 16.91 -7.68
C ASN C 90 -27.69 16.93 -8.77
N LYS C 91 -26.80 15.94 -8.77
CA LYS C 91 -25.86 15.74 -9.86
C LYS C 91 -25.99 14.30 -10.34
N THR C 92 -25.58 14.08 -11.59
CA THR C 92 -25.55 12.78 -12.22
C THR C 92 -24.19 12.55 -12.86
N PRO C 93 -23.39 11.56 -12.41
CA PRO C 93 -23.71 10.74 -11.25
C PRO C 93 -23.71 11.53 -9.94
N HIS C 94 -24.22 10.90 -8.88
CA HIS C 94 -24.22 11.54 -7.58
C HIS C 94 -22.79 11.92 -7.21
N ALA C 95 -22.65 13.10 -6.58
CA ALA C 95 -21.37 13.71 -6.29
C ALA C 95 -21.00 13.48 -4.82
N ILE C 96 -19.81 12.93 -4.60
CA ILE C 96 -19.37 12.56 -3.26
C ILE C 96 -19.06 13.81 -2.45
N ALA C 97 -19.63 13.86 -1.23
CA ALA C 97 -19.33 14.86 -0.22
C ALA C 97 -18.47 14.28 0.90
N ALA C 98 -18.71 13.01 1.26
CA ALA C 98 -17.97 12.38 2.32
C ALA C 98 -17.98 10.87 2.14
N ILE C 99 -16.96 10.24 2.76
CA ILE C 99 -16.83 8.80 2.76
C ILE C 99 -16.55 8.32 4.17
N SER C 100 -17.07 7.14 4.50
CA SER C 100 -16.67 6.43 5.70
C SER C 100 -16.21 5.03 5.33
N MET C 101 -15.17 4.59 6.03
CA MET C 101 -14.65 3.24 5.93
C MET C 101 -14.61 2.66 7.33
N ALA C 102 -15.14 1.43 7.42
CA ALA C 102 -15.02 0.60 8.60
C ALA C 102 -15.09 -0.85 8.14
N ASN C 103 -14.35 -1.68 8.87
CA ASN C 103 -14.33 -3.14 8.75
C ASN C 103 -13.50 -3.57 7.55
N THR D 1 12.62 21.24 23.90
CA THR D 1 11.76 20.46 22.99
C THR D 1 11.35 19.15 23.66
N PRO D 2 10.05 18.78 23.67
CA PRO D 2 9.63 17.52 24.26
C PRO D 2 10.20 16.30 23.55
N GLN D 3 10.34 15.19 24.28
CA GLN D 3 10.93 13.99 23.73
C GLN D 3 9.90 12.88 23.53
N ASN D 4 8.65 13.17 23.91
CA ASN D 4 7.57 12.19 23.77
C ASN D 4 6.25 12.93 23.74
N ILE D 5 5.19 12.19 23.37
CA ILE D 5 3.88 12.78 23.16
C ILE D 5 3.28 13.30 24.47
N THR D 6 3.56 12.60 25.59
N THR D 6 3.57 12.62 25.58
CA THR D 6 2.99 13.00 26.87
CA THR D 6 2.99 13.00 26.86
C THR D 6 3.52 14.38 27.27
C THR D 6 3.52 14.38 27.27
N ASP D 7 4.84 14.57 27.16
CA ASP D 7 5.46 15.84 27.54
C ASP D 7 5.04 16.94 26.58
N LEU D 8 4.92 16.62 25.29
CA LEU D 8 4.44 17.58 24.32
C LEU D 8 3.05 18.06 24.70
N CYS D 9 2.18 17.10 25.03
N CYS D 9 2.18 17.10 25.03
CA CYS D 9 0.78 17.38 25.31
CA CYS D 9 0.78 17.38 25.31
C CYS D 9 0.67 18.32 26.52
C CYS D 9 0.66 18.31 26.52
N ALA D 10 1.50 18.09 27.53
CA ALA D 10 1.50 18.86 28.77
C ALA D 10 1.95 20.31 28.55
N GLU D 11 2.50 20.66 27.38
CA GLU D 11 2.86 22.05 27.13
C GLU D 11 1.64 22.91 26.83
N TYR D 12 0.50 22.29 26.51
CA TYR D 12 -0.67 23.01 26.05
C TYR D 12 -1.76 22.92 27.10
N HIS D 13 -2.55 23.97 27.19
CA HIS D 13 -3.71 23.96 28.06
C HIS D 13 -4.86 23.24 27.34
N ASN D 14 -5.73 22.66 28.18
CA ASN D 14 -6.95 22.04 27.71
C ASN D 14 -6.64 20.83 26.81
N THR D 15 -5.63 20.05 27.17
CA THR D 15 -5.30 18.83 26.45
C THR D 15 -5.37 17.66 27.41
N GLN D 16 -5.45 16.46 26.84
CA GLN D 16 -5.24 15.25 27.60
C GLN D 16 -4.71 14.20 26.64
N ILE D 17 -4.05 13.21 27.24
CA ILE D 17 -3.63 12.00 26.57
C ILE D 17 -4.77 10.98 26.68
N HIS D 18 -5.09 10.35 25.54
CA HIS D 18 -5.83 9.10 25.53
C HIS D 18 -4.88 7.98 25.17
N THR D 19 -4.88 6.91 25.99
CA THR D 19 -4.07 5.74 25.70
C THR D 19 -5.01 4.69 25.11
N LEU D 20 -4.80 4.37 23.83
CA LEU D 20 -5.73 3.52 23.10
C LEU D 20 -5.13 2.13 22.92
N ASN D 21 -3.85 2.08 22.54
CA ASN D 21 -3.19 0.84 22.16
C ASN D 21 -4.14 -0.02 21.33
N ASP D 22 -4.68 0.54 20.25
CA ASP D 22 -5.63 -0.19 19.41
C ASP D 22 -5.60 0.45 18.03
N LYS D 23 -6.04 -0.33 17.02
CA LYS D 23 -6.14 0.21 15.67
C LYS D 23 -7.40 1.05 15.58
N ILE D 24 -7.42 1.94 14.57
CA ILE D 24 -8.58 2.75 14.27
C ILE D 24 -9.67 1.86 13.71
N PHE D 25 -10.89 2.05 14.24
CA PHE D 25 -12.05 1.28 13.85
C PHE D 25 -12.69 1.85 12.60
N SER D 26 -12.81 3.18 12.50
CA SER D 26 -13.41 3.80 11.33
C SER D 26 -12.72 5.12 11.00
N TYR D 27 -12.75 5.43 9.69
CA TYR D 27 -12.15 6.64 9.14
C TYR D 27 -13.21 7.29 8.27
N THR D 28 -13.50 8.58 8.54
CA THR D 28 -14.48 9.34 7.79
C THR D 28 -13.80 10.61 7.32
N GLU D 29 -14.07 10.98 6.06
CA GLU D 29 -13.44 12.14 5.45
C GLU D 29 -14.50 12.89 4.67
N SER D 30 -14.47 14.23 4.79
CA SER D 30 -15.44 15.08 4.15
C SER D 30 -14.76 16.20 3.37
N LEU D 31 -15.30 16.48 2.19
CA LEU D 31 -14.92 17.63 1.38
C LEU D 31 -16.02 18.69 1.38
N ALA D 32 -17.11 18.47 2.13
CA ALA D 32 -18.22 19.40 2.08
C ALA D 32 -17.79 20.75 2.66
N GLY D 33 -18.30 21.83 2.06
CA GLY D 33 -17.89 23.19 2.42
C GLY D 33 -18.13 23.48 3.91
N LYS D 34 -17.07 23.98 4.57
CA LYS D 34 -17.04 24.29 6.01
C LYS D 34 -16.94 23.04 6.88
N ARG D 35 -16.88 21.84 6.29
CA ARG D 35 -16.69 20.60 7.02
C ARG D 35 -15.60 19.76 6.35
N GLU D 36 -14.53 20.43 5.95
CA GLU D 36 -13.38 19.79 5.33
C GLU D 36 -12.49 19.21 6.43
N MET D 37 -12.77 17.95 6.79
CA MET D 37 -12.28 17.40 8.04
C MET D 37 -12.24 15.86 7.96
N ALA D 38 -11.59 15.27 8.95
CA ALA D 38 -11.58 13.83 9.15
C ALA D 38 -12.04 13.49 10.57
N ILE D 39 -12.72 12.35 10.68
CA ILE D 39 -13.17 11.82 11.97
C ILE D 39 -12.75 10.37 12.05
N ILE D 40 -12.18 9.99 13.20
CA ILE D 40 -11.87 8.61 13.46
C ILE D 40 -12.62 8.12 14.69
N THR D 41 -12.89 6.81 14.72
CA THR D 41 -13.40 6.17 15.93
C THR D 41 -12.57 4.94 16.23
N PHE D 42 -12.66 4.53 17.52
CA PHE D 42 -12.13 3.29 18.01
C PHE D 42 -13.29 2.39 18.44
N LYS D 43 -13.03 1.11 18.61
CA LYS D 43 -14.12 0.16 18.84
C LYS D 43 -14.76 0.40 20.21
N ASN D 44 -14.06 1.08 21.13
CA ASN D 44 -14.65 1.46 22.42
C ASN D 44 -15.63 2.62 22.28
N GLY D 45 -15.79 3.19 21.08
CA GLY D 45 -16.70 4.30 20.84
C GLY D 45 -16.02 5.67 20.88
N ALA D 46 -14.76 5.75 21.31
CA ALA D 46 -14.09 7.04 21.36
C ALA D 46 -14.00 7.62 19.94
N THR D 47 -14.30 8.91 19.82
CA THR D 47 -14.41 9.60 18.56
C THR D 47 -13.51 10.84 18.61
N PHE D 48 -12.74 11.05 17.52
CA PHE D 48 -11.82 12.16 17.46
C PHE D 48 -11.89 12.83 16.09
N GLN D 49 -11.62 14.14 16.06
CA GLN D 49 -11.62 14.88 14.81
C GLN D 49 -10.24 15.47 14.55
N VAL D 50 -9.97 15.66 13.25
CA VAL D 50 -9.02 16.66 12.81
C VAL D 50 -9.84 17.85 12.39
N GLU D 51 -9.61 18.98 13.07
CA GLU D 51 -10.48 20.14 12.92
C GLU D 51 -10.36 20.71 11.52
N VAL D 52 -11.48 21.29 11.07
CA VAL D 52 -11.48 22.14 9.91
C VAL D 52 -10.49 23.28 10.16
N PRO D 53 -9.58 23.59 9.20
CA PRO D 53 -8.68 24.70 9.36
C PRO D 53 -9.44 26.01 9.56
N GLY D 54 -9.00 26.78 10.55
CA GLY D 54 -9.73 28.00 10.92
C GLY D 54 -8.78 28.99 11.59
N SER D 55 -9.38 30.02 12.19
CA SER D 55 -8.62 31.13 12.74
C SER D 55 -7.91 30.71 14.04
N GLN D 56 -8.27 29.56 14.62
CA GLN D 56 -7.55 29.02 15.77
C GLN D 56 -6.20 28.41 15.36
N HIS D 57 -5.94 28.31 14.05
CA HIS D 57 -4.72 27.69 13.55
C HIS D 57 -3.79 28.75 12.98
N ILE D 58 -2.51 28.64 13.29
CA ILE D 58 -1.52 29.53 12.70
C ILE D 58 -1.06 28.90 11.38
N ASP D 59 -0.43 29.70 10.52
CA ASP D 59 -0.15 29.26 9.16
C ASP D 59 0.68 27.97 9.16
N SER D 60 1.63 27.84 10.09
CA SER D 60 2.52 26.68 10.16
C SER D 60 1.74 25.38 10.44
N GLN D 61 0.53 25.49 10.98
CA GLN D 61 -0.26 24.31 11.29
C GLN D 61 -1.04 23.79 10.09
N LYS D 62 -1.21 24.59 9.03
CA LYS D 62 -2.04 24.19 7.90
C LYS D 62 -1.47 22.95 7.25
N LYS D 63 -0.14 22.92 7.05
N LYS D 63 -0.15 22.91 7.04
CA LYS D 63 0.51 21.76 6.44
CA LYS D 63 0.49 21.76 6.43
C LYS D 63 0.42 20.56 7.38
C LYS D 63 0.43 20.56 7.38
N ALA D 64 0.54 20.82 8.69
CA ALA D 64 0.50 19.75 9.69
C ALA D 64 -0.88 19.13 9.79
N ILE D 65 -1.94 19.92 9.63
CA ILE D 65 -3.30 19.42 9.59
C ILE D 65 -3.46 18.45 8.42
N GLU D 66 -2.95 18.84 7.25
CA GLU D 66 -3.02 17.97 6.07
C GLU D 66 -2.24 16.69 6.31
N ARG D 67 -1.07 16.78 6.92
CA ARG D 67 -0.26 15.63 7.22
C ARG D 67 -0.98 14.68 8.16
N MET D 68 -1.65 15.25 9.18
CA MET D 68 -2.32 14.41 10.18
C MET D 68 -3.42 13.58 9.51
N LYS D 69 -4.18 14.20 8.60
CA LYS D 69 -5.21 13.48 7.88
C LYS D 69 -4.60 12.36 7.03
N ASP D 70 -3.44 12.64 6.42
CA ASP D 70 -2.73 11.59 5.68
C ASP D 70 -2.36 10.43 6.62
N THR D 71 -1.83 10.76 7.81
CA THR D 71 -1.39 9.78 8.78
C THR D 71 -2.58 8.92 9.24
N LEU D 72 -3.72 9.53 9.51
CA LEU D 72 -4.86 8.77 10.04
C LEU D 72 -5.40 7.81 8.96
N ARG D 73 -5.43 8.26 7.70
CA ARG D 73 -5.88 7.39 6.62
C ARG D 73 -4.98 6.15 6.51
N ILE D 74 -3.66 6.36 6.47
N ILE D 74 -3.66 6.36 6.48
CA ILE D 74 -2.75 5.24 6.28
CA ILE D 74 -2.75 5.24 6.28
C ILE D 74 -2.69 4.36 7.54
C ILE D 74 -2.70 4.36 7.54
N ALA D 75 -2.81 4.96 8.73
CA ALA D 75 -2.88 4.18 9.96
C ALA D 75 -4.13 3.27 9.94
N TYR D 76 -5.25 3.84 9.51
CA TYR D 76 -6.48 3.09 9.39
C TYR D 76 -6.29 1.92 8.44
N LEU D 77 -5.76 2.17 7.25
CA LEU D 77 -5.69 1.14 6.21
C LEU D 77 -4.72 0.03 6.60
N THR D 78 -3.62 0.40 7.27
CA THR D 78 -2.59 -0.57 7.65
C THR D 78 -2.89 -1.23 9.00
N GLU D 79 -4.00 -0.84 9.66
CA GLU D 79 -4.39 -1.38 10.94
C GLU D 79 -3.29 -1.18 11.96
N ALA D 80 -2.57 -0.07 11.85
CA ALA D 80 -1.47 0.23 12.77
C ALA D 80 -2.07 0.55 14.13
N LYS D 81 -1.45 -0.02 15.18
N LYS D 81 -1.46 -0.02 15.19
CA LYS D 81 -1.88 0.28 16.54
CA LYS D 81 -1.90 0.27 16.54
C LYS D 81 -1.52 1.73 16.87
C LYS D 81 -1.52 1.72 16.88
N VAL D 82 -2.54 2.48 17.29
CA VAL D 82 -2.35 3.81 17.83
C VAL D 82 -2.06 3.63 19.32
N GLU D 83 -0.94 4.20 19.75
CA GLU D 83 -0.56 4.12 21.15
C GLU D 83 -1.35 5.17 21.92
N LYS D 84 -1.02 6.46 21.67
CA LYS D 84 -1.66 7.55 22.36
C LYS D 84 -2.14 8.60 21.36
N LEU D 85 -3.17 9.32 21.75
CA LEU D 85 -3.51 10.59 21.14
C LEU D 85 -3.35 11.69 22.18
N CYS D 86 -2.74 12.80 21.77
N CYS D 86 -2.75 12.81 21.77
CA CYS D 86 -2.90 14.07 22.47
CA CYS D 86 -2.90 14.07 22.47
C CYS D 86 -4.03 14.84 21.81
C CYS D 86 -4.03 14.84 21.81
N VAL D 87 -5.03 15.24 22.61
CA VAL D 87 -6.18 15.94 22.09
C VAL D 87 -6.46 17.20 22.90
N TRP D 88 -7.10 18.16 22.25
CA TRP D 88 -7.78 19.25 22.93
C TRP D 88 -9.14 18.73 23.35
N ASN D 89 -9.34 18.71 24.68
CA ASN D 89 -10.54 18.16 25.26
C ASN D 89 -11.55 19.25 25.56
N ASN D 90 -11.30 20.49 25.11
CA ASN D 90 -12.29 21.55 25.17
C ASN D 90 -13.02 21.67 23.84
N LYS D 91 -12.90 20.64 22.99
CA LYS D 91 -13.68 20.53 21.78
C LYS D 91 -14.43 19.22 21.78
N THR D 92 -15.52 19.18 21.04
CA THR D 92 -16.39 18.03 20.94
C THR D 92 -16.67 17.72 19.47
N PRO D 93 -16.23 16.56 18.91
CA PRO D 93 -15.36 15.63 19.60
C PRO D 93 -13.98 16.21 19.90
N HIS D 94 -13.23 15.49 20.72
CA HIS D 94 -11.89 15.91 21.04
C HIS D 94 -11.09 16.04 19.73
N ALA D 95 -10.27 17.10 19.68
CA ALA D 95 -9.55 17.47 18.48
C ALA D 95 -8.11 17.02 18.63
N ILE D 96 -7.62 16.29 17.62
CA ILE D 96 -6.29 15.71 17.67
C ILE D 96 -5.24 16.81 17.53
N ALA D 97 -4.26 16.76 18.46
CA ALA D 97 -3.07 17.59 18.42
C ALA D 97 -1.85 16.77 18.03
N ALA D 98 -1.78 15.51 18.45
CA ALA D 98 -0.64 14.65 18.16
C ALA D 98 -1.04 13.18 18.27
N ILE D 99 -0.25 12.34 17.59
CA ILE D 99 -0.47 10.90 17.59
C ILE D 99 0.86 10.19 17.81
N SER D 100 0.79 9.06 18.53
CA SER D 100 1.94 8.19 18.62
C SER D 100 1.50 6.77 18.24
N MET D 101 2.38 6.10 17.53
CA MET D 101 2.21 4.72 17.14
C MET D 101 3.42 3.95 17.62
N ALA D 102 3.11 2.82 18.24
CA ALA D 102 4.09 1.85 18.73
C ALA D 102 3.30 0.55 18.92
N ASN D 103 4.01 -0.57 18.72
CA ASN D 103 3.58 -1.92 19.09
C ASN D 103 2.53 -2.51 18.11
N THR E 1 30.36 16.41 -4.08
CA THR E 1 29.11 15.82 -3.58
C THR E 1 29.42 14.52 -2.83
N PRO E 2 28.87 14.33 -1.61
CA PRO E 2 29.12 13.09 -0.88
C PRO E 2 28.47 11.89 -1.55
N GLN E 3 29.02 10.69 -1.30
CA GLN E 3 28.52 9.46 -1.86
C GLN E 3 27.83 8.60 -0.82
N ASN E 4 27.84 9.02 0.43
CA ASN E 4 27.25 8.24 1.50
C ASN E 4 26.94 9.15 2.68
N ILE E 5 26.15 8.63 3.63
CA ILE E 5 25.63 9.43 4.73
C ILE E 5 26.77 9.90 5.66
N THR E 6 27.80 9.05 5.82
CA THR E 6 28.88 9.38 6.75
C THR E 6 29.63 10.61 6.23
N ASP E 7 29.98 10.61 4.93
CA ASP E 7 30.70 11.71 4.33
C ASP E 7 29.84 12.96 4.30
N LEU E 8 28.54 12.80 4.02
CA LEU E 8 27.64 13.95 4.04
C LEU E 8 27.64 14.58 5.43
N CYS E 9 27.54 13.73 6.46
CA CYS E 9 27.42 14.19 7.84
C CYS E 9 28.65 15.01 8.24
N ALA E 10 29.82 14.55 7.80
CA ALA E 10 31.10 15.19 8.11
C ALA E 10 31.24 16.57 7.48
N GLU E 11 30.36 16.94 6.53
CA GLU E 11 30.43 18.27 5.93
C GLU E 11 29.87 19.32 6.88
N TYR E 12 29.18 18.94 7.95
CA TYR E 12 28.49 19.89 8.79
C TYR E 12 29.10 19.89 10.19
N HIS E 13 29.07 21.07 10.83
CA HIS E 13 29.41 21.20 12.23
C HIS E 13 28.28 20.67 13.11
N ASN E 14 28.68 20.18 14.27
CA ASN E 14 27.77 19.79 15.33
C ASN E 14 26.90 18.61 14.89
N THR E 15 27.44 17.68 14.11
CA THR E 15 26.70 16.50 13.70
C THR E 15 27.43 15.25 14.16
N GLN E 16 26.71 14.14 14.22
CA GLN E 16 27.30 12.85 14.45
C GLN E 16 26.39 11.80 13.81
N ILE E 17 26.98 10.64 13.53
CA ILE E 17 26.27 9.46 13.04
C ILE E 17 25.83 8.63 14.23
N HIS E 18 24.56 8.21 14.22
CA HIS E 18 24.10 7.11 15.04
C HIS E 18 23.84 5.90 14.15
N THR E 19 24.36 4.75 14.57
CA THR E 19 24.18 3.51 13.82
C THR E 19 23.15 2.67 14.56
N LEU E 20 21.99 2.46 13.94
CA LEU E 20 20.88 1.80 14.60
C LEU E 20 20.77 0.36 14.10
N ASN E 21 20.84 0.16 12.78
CA ASN E 21 20.54 -1.13 12.16
C ASN E 21 19.32 -1.77 12.81
N ASP E 22 18.21 -1.04 12.85
CA ASP E 22 17.00 -1.52 13.48
C ASP E 22 15.83 -0.76 12.91
N LYS E 23 14.63 -1.35 13.03
N LYS E 23 14.63 -1.34 13.02
CA LYS E 23 13.41 -0.65 12.65
CA LYS E 23 13.42 -0.65 12.64
C LYS E 23 13.04 0.36 13.73
C LYS E 23 13.06 0.37 13.73
N ILE E 24 12.23 1.34 13.34
CA ILE E 24 11.74 2.35 14.25
C ILE E 24 10.74 1.72 15.21
N PHE E 25 10.91 2.03 16.51
CA PHE E 25 10.08 1.47 17.54
C PHE E 25 8.78 2.26 17.71
N SER E 26 8.87 3.60 17.64
CA SER E 26 7.69 4.44 17.73
C SER E 26 7.84 5.68 16.84
N TYR E 27 6.69 6.14 16.36
CA TYR E 27 6.57 7.32 15.52
C TYR E 27 5.52 8.22 16.16
N THR E 28 5.90 9.49 16.40
CA THR E 28 4.99 10.47 16.94
C THR E 28 4.98 11.68 16.01
N GLU E 29 3.80 12.24 15.80
CA GLU E 29 3.63 13.40 14.96
C GLU E 29 2.69 14.36 15.66
N SER E 30 3.01 15.66 15.55
CA SER E 30 2.24 16.72 16.18
C SER E 30 1.87 17.82 15.19
N LEU E 31 0.63 18.31 15.29
CA LEU E 31 0.18 19.47 14.54
C LEU E 31 0.02 20.69 15.45
N ALA E 32 0.37 20.55 16.73
CA ALA E 32 0.12 21.66 17.67
C ALA E 32 0.98 22.85 17.27
N GLY E 33 0.44 24.07 17.39
CA GLY E 33 1.12 25.28 16.93
C GLY E 33 2.47 25.47 17.60
N LYS E 34 3.52 25.64 16.78
CA LYS E 34 4.91 25.79 17.18
C LYS E 34 5.55 24.46 17.57
N ARG E 35 4.82 23.35 17.46
CA ARG E 35 5.39 22.02 17.67
C ARG E 35 4.96 21.09 16.53
N GLU E 36 5.02 21.63 15.31
CA GLU E 36 4.69 20.87 14.10
C GLU E 36 5.93 20.06 13.71
N MET E 37 5.99 18.84 14.23
CA MET E 37 7.22 18.07 14.27
C MET E 37 6.91 16.58 14.33
N ALA E 38 7.96 15.77 14.14
CA ALA E 38 7.89 14.34 14.34
C ALA E 38 9.00 13.92 15.30
N ILE E 39 8.71 12.85 16.05
CA ILE E 39 9.68 12.22 16.92
C ILE E 39 9.67 10.72 16.68
N ILE E 40 10.86 10.13 16.56
CA ILE E 40 10.98 8.68 16.50
C ILE E 40 11.82 8.19 17.65
N THR E 41 11.56 6.93 18.05
CA THR E 41 12.41 6.23 19.00
C THR E 41 12.73 4.86 18.46
N PHE E 42 13.84 4.33 18.98
CA PHE E 42 14.28 2.96 18.78
C PHE E 42 14.17 2.19 20.10
N LYS E 43 14.24 0.86 20.02
N LYS E 43 14.25 0.87 19.99
CA LYS E 43 13.97 0.06 21.21
CA LYS E 43 14.05 -0.04 21.12
C LYS E 43 15.07 0.24 22.25
C LYS E 43 15.06 0.24 22.23
N ASN E 44 16.26 0.71 21.84
CA ASN E 44 17.34 1.00 22.78
C ASN E 44 17.08 2.31 23.54
N GLY E 45 15.99 3.04 23.26
CA GLY E 45 15.67 4.28 23.94
C GLY E 45 16.10 5.53 23.17
N ALA E 46 16.92 5.39 22.13
CA ALA E 46 17.37 6.54 21.37
C ALA E 46 16.16 7.27 20.78
N THR E 47 16.17 8.61 20.90
CA THR E 47 15.06 9.45 20.51
C THR E 47 15.58 10.53 19.57
N PHE E 48 14.84 10.78 18.47
CA PHE E 48 15.26 11.76 17.47
C PHE E 48 14.07 12.58 17.02
N GLN E 49 14.32 13.82 16.60
CA GLN E 49 13.26 14.69 16.10
C GLN E 49 13.56 15.11 14.66
N VAL E 50 12.49 15.43 13.93
CA VAL E 50 12.56 16.32 12.79
C VAL E 50 12.11 17.68 13.30
N GLU E 51 13.00 18.65 13.18
CA GLU E 51 12.77 19.95 13.80
C GLU E 51 11.58 20.66 13.18
N VAL E 52 10.91 21.46 14.00
CA VAL E 52 9.98 22.46 13.54
C VAL E 52 10.71 23.37 12.56
N PRO E 53 10.14 23.63 11.35
CA PRO E 53 10.80 24.55 10.43
C PRO E 53 10.93 25.93 11.05
N GLY E 54 12.09 26.55 10.91
CA GLY E 54 12.35 27.82 11.58
C GLY E 54 13.48 28.58 10.89
N SER E 55 13.95 29.62 11.58
CA SER E 55 14.90 30.54 10.96
C SER E 55 16.29 29.90 10.86
N GLN E 56 16.51 28.75 11.51
CA GLN E 56 17.75 28.00 11.35
C GLN E 56 17.77 27.26 10.00
N HIS E 57 16.65 27.26 9.27
CA HIS E 57 16.55 26.54 8.02
C HIS E 57 16.53 27.50 6.83
N ILE E 58 17.19 27.13 5.74
CA ILE E 58 17.09 27.90 4.51
C ILE E 58 15.91 27.37 3.71
N ASP E 59 15.46 28.19 2.75
CA ASP E 59 14.23 27.91 2.02
C ASP E 59 14.29 26.53 1.35
N SER E 60 15.45 26.14 0.81
CA SER E 60 15.60 24.87 0.11
C SER E 60 15.35 23.67 1.03
N GLN E 61 15.46 23.87 2.35
CA GLN E 61 15.25 22.78 3.30
C GLN E 61 13.78 22.49 3.61
N LYS E 62 12.88 23.45 3.32
CA LYS E 62 11.51 23.34 3.78
C LYS E 62 10.85 22.09 3.19
N LYS E 63 11.05 21.86 1.90
N LYS E 63 11.04 21.86 1.88
CA LYS E 63 10.49 20.71 1.21
CA LYS E 63 10.49 20.69 1.22
C LYS E 63 11.12 19.42 1.75
C LYS E 63 11.13 19.41 1.75
N ALA E 64 12.42 19.48 2.07
CA ALA E 64 13.16 18.31 2.52
C ALA E 64 12.72 17.91 3.94
N ILE E 65 12.38 18.90 4.77
CA ILE E 65 11.83 18.62 6.09
C ILE E 65 10.51 17.84 5.97
N GLU E 66 9.64 18.28 5.06
CA GLU E 66 8.37 17.60 4.85
C GLU E 66 8.62 16.19 4.34
N ARG E 67 9.56 16.03 3.41
CA ARG E 67 9.88 14.72 2.88
C ARG E 67 10.40 13.80 3.97
N MET E 68 11.23 14.32 4.87
CA MET E 68 11.83 13.47 5.91
C MET E 68 10.72 12.92 6.82
N LYS E 69 9.73 13.76 7.15
CA LYS E 69 8.62 13.30 7.96
C LYS E 69 7.84 12.19 7.23
N ASP E 70 7.68 12.35 5.92
CA ASP E 70 7.05 11.32 5.10
C ASP E 70 7.86 10.02 5.19
N THR E 71 9.18 10.12 5.07
CA THR E 71 10.07 8.97 5.04
C THR E 71 9.97 8.22 6.37
N LEU E 72 9.98 8.95 7.49
CA LEU E 72 9.97 8.29 8.80
C LEU E 72 8.65 7.57 9.03
N ARG E 73 7.53 8.20 8.61
CA ARG E 73 6.24 7.55 8.79
C ARG E 73 6.17 6.24 8.02
N ILE E 74 6.58 6.25 6.75
CA ILE E 74 6.48 5.04 5.94
C ILE E 74 7.52 4.01 6.37
N ALA E 75 8.70 4.44 6.80
CA ALA E 75 9.69 3.52 7.34
C ALA E 75 9.16 2.83 8.58
N TYR E 76 8.51 3.60 9.45
CA TYR E 76 7.90 3.04 10.64
C TYR E 76 6.87 1.98 10.26
N LEU E 77 5.95 2.33 9.37
CA LEU E 77 4.83 1.46 9.06
C LEU E 77 5.29 0.19 8.35
N THR E 78 6.34 0.28 7.52
CA THR E 78 6.83 -0.86 6.75
C THR E 78 7.90 -1.66 7.50
N GLU E 79 8.23 -1.23 8.73
N GLU E 79 8.22 -1.24 8.74
CA GLU E 79 9.23 -1.88 9.56
CA GLU E 79 9.22 -1.90 9.56
C GLU E 79 10.58 -1.92 8.84
C GLU E 79 10.57 -1.93 8.83
N ALA E 80 10.88 -0.89 8.04
CA ALA E 80 12.13 -0.83 7.33
C ALA E 80 13.28 -0.64 8.31
N LYS E 81 14.37 -1.40 8.12
N LYS E 81 14.37 -1.39 8.11
CA LYS E 81 15.55 -1.24 8.95
CA LYS E 81 15.55 -1.24 8.93
C LYS E 81 16.23 0.09 8.61
C LYS E 81 16.25 0.07 8.62
N VAL E 82 16.43 0.91 9.65
CA VAL E 82 17.22 2.11 9.54
C VAL E 82 18.68 1.71 9.79
N GLU E 83 19.55 2.09 8.86
CA GLU E 83 20.96 1.85 9.03
C GLU E 83 21.56 2.91 9.95
N LYS E 84 21.67 4.15 9.44
CA LYS E 84 22.28 5.24 10.19
C LYS E 84 21.39 6.46 10.14
N LEU E 85 21.52 7.30 11.17
CA LEU E 85 21.03 8.67 11.15
C LEU E 85 22.21 9.61 11.29
N CYS E 86 22.21 10.68 10.49
CA CYS E 86 23.05 11.84 10.72
C CYS E 86 22.21 12.85 11.48
N VAL E 87 22.70 13.30 12.66
CA VAL E 87 21.93 14.18 13.51
C VAL E 87 22.78 15.38 13.98
N TRP E 88 22.11 16.49 14.26
CA TRP E 88 22.68 17.60 15.00
C TRP E 88 22.57 17.28 16.49
N ASN E 89 23.71 17.31 17.19
CA ASN E 89 23.75 16.93 18.59
C ASN E 89 23.65 18.15 19.52
N ASN E 90 23.38 19.34 18.97
CA ASN E 90 23.23 20.53 19.77
C ASN E 90 21.74 20.82 19.95
N LYS E 91 20.89 19.83 19.68
CA LYS E 91 19.48 19.93 20.02
C LYS E 91 19.12 18.68 20.82
N THR E 92 18.06 18.79 21.61
CA THR E 92 17.50 17.71 22.41
C THR E 92 16.01 17.60 22.14
N PRO E 93 15.49 16.48 21.60
CA PRO E 93 16.31 15.38 21.10
C PRO E 93 17.16 15.77 19.90
N HIS E 94 18.12 14.92 19.59
CA HIS E 94 19.00 15.14 18.45
C HIS E 94 18.12 15.29 17.20
N ALA E 95 18.52 16.20 16.33
CA ALA E 95 17.73 16.57 15.17
C ALA E 95 18.26 15.89 13.92
N ILE E 96 17.37 15.23 13.18
CA ILE E 96 17.75 14.45 12.03
C ILE E 96 18.13 15.37 10.88
N ALA E 97 19.29 15.11 10.29
CA ALA E 97 19.79 15.75 9.09
C ALA E 97 19.72 14.81 7.88
N ALA E 98 19.94 13.52 8.10
CA ALA E 98 19.88 12.53 7.03
C ALA E 98 19.62 11.15 7.60
N ILE E 99 19.11 10.28 6.73
CA ILE E 99 18.81 8.90 7.07
C ILE E 99 19.35 8.00 5.97
N SER E 100 19.83 6.82 6.38
CA SER E 100 20.14 5.76 5.43
C SER E 100 19.39 4.51 5.85
N MET E 101 18.89 3.81 4.83
CA MET E 101 18.21 2.54 5.00
C MET E 101 18.90 1.52 4.12
N ALA E 102 19.25 0.40 4.76
CA ALA E 102 19.80 -0.77 4.10
C ALA E 102 19.50 -1.94 5.04
N ASN E 103 19.34 -3.14 4.47
CA ASN E 103 19.13 -4.32 5.31
C ASN E 103 20.45 -4.90 5.85
N THR F 1 8.21 11.66 -29.60
CA THR F 1 8.59 11.56 -28.18
C THR F 1 9.17 10.17 -27.99
N PRO F 2 10.20 9.95 -27.15
CA PRO F 2 10.76 8.61 -27.01
C PRO F 2 9.77 7.61 -26.42
N GLN F 3 9.95 6.34 -26.77
CA GLN F 3 9.05 5.29 -26.36
C GLN F 3 9.65 4.43 -25.25
N ASN F 4 10.90 4.71 -24.88
CA ASN F 4 11.61 3.93 -23.88
C ASN F 4 12.77 4.77 -23.36
N ILE F 5 13.34 4.28 -22.26
CA ILE F 5 14.35 5.02 -21.52
C ILE F 5 15.63 5.13 -22.34
N THR F 6 15.95 4.12 -23.13
CA THR F 6 17.20 4.13 -23.91
C THR F 6 17.17 5.25 -24.94
N ASP F 7 16.05 5.38 -25.66
CA ASP F 7 15.92 6.41 -26.69
C ASP F 7 15.85 7.79 -26.03
N LEU F 8 15.17 7.89 -24.87
CA LEU F 8 15.12 9.14 -24.14
C LEU F 8 16.53 9.57 -23.76
N CYS F 9 17.32 8.63 -23.25
N CYS F 9 17.31 8.64 -23.19
CA CYS F 9 18.64 8.91 -22.72
CA CYS F 9 18.68 8.89 -22.74
C CYS F 9 19.56 9.45 -23.83
C CYS F 9 19.47 9.55 -23.87
N ALA F 10 19.41 8.89 -25.03
CA ALA F 10 20.21 9.27 -26.19
C ALA F 10 19.90 10.70 -26.66
N GLU F 11 18.83 11.32 -26.18
CA GLU F 11 18.51 12.69 -26.56
C GLU F 11 19.41 13.68 -25.84
N TYR F 12 20.14 13.25 -24.81
CA TYR F 12 20.88 14.17 -23.97
C TYR F 12 22.38 13.89 -24.10
N HIS F 13 23.17 14.96 -23.96
CA HIS F 13 24.61 14.85 -23.92
C HIS F 13 25.03 14.37 -22.53
N ASN F 14 26.15 13.65 -22.50
CA ASN F 14 26.80 13.28 -21.26
C ASN F 14 25.93 12.31 -20.46
N THR F 15 25.22 11.40 -21.13
CA THR F 15 24.39 10.42 -20.43
C THR F 15 24.82 9.01 -20.80
N GLN F 16 24.44 8.05 -19.97
CA GLN F 16 24.55 6.66 -20.31
C GLN F 16 23.46 5.89 -19.58
N ILE F 17 23.16 4.70 -20.10
CA ILE F 17 22.28 3.75 -19.48
C ILE F 17 23.11 2.83 -18.60
N HIS F 18 22.63 2.61 -17.37
CA HIS F 18 23.05 1.47 -16.56
C HIS F 18 21.89 0.48 -16.52
N THR F 19 22.17 -0.79 -16.83
CA THR F 19 21.18 -1.85 -16.74
C THR F 19 21.45 -2.63 -15.46
N LEU F 20 20.51 -2.53 -14.50
CA LEU F 20 20.71 -3.11 -13.19
C LEU F 20 19.91 -4.39 -13.04
N ASN F 21 18.66 -4.39 -13.47
CA ASN F 21 17.76 -5.49 -13.23
C ASN F 21 17.90 -6.02 -11.82
N ASP F 22 17.77 -5.13 -10.84
CA ASP F 22 17.94 -5.52 -9.45
C ASP F 22 17.21 -4.50 -8.57
N LYS F 23 16.91 -4.91 -7.34
CA LYS F 23 16.35 -3.99 -6.36
C LYS F 23 17.44 -3.08 -5.82
N ILE F 24 17.01 -1.95 -5.28
CA ILE F 24 17.91 -1.01 -4.64
C ILE F 24 18.41 -1.59 -3.33
N PHE F 25 19.72 -1.48 -3.10
CA PHE F 25 20.37 -2.02 -1.93
C PHE F 25 20.29 -1.05 -0.75
N SER F 26 20.47 0.26 -1.00
CA SER F 26 20.34 1.25 0.05
C SER F 26 19.75 2.55 -0.49
N TYR F 27 19.07 3.27 0.41
CA TYR F 27 18.45 4.55 0.12
C TYR F 27 18.88 5.51 1.24
N THR F 28 19.43 6.65 0.82
CA THR F 28 19.85 7.70 1.73
C THR F 28 19.17 8.99 1.32
N GLU F 29 18.70 9.75 2.31
CA GLU F 29 18.04 11.01 2.05
C GLU F 29 18.55 12.02 3.07
N SER F 30 18.75 13.26 2.60
CA SER F 30 19.26 14.34 3.42
C SER F 30 18.38 15.59 3.32
N LEU F 31 18.14 16.25 4.48
CA LEU F 31 17.51 17.55 4.52
C LEU F 31 18.52 18.65 4.86
N ALA F 32 19.80 18.30 4.99
CA ALA F 32 20.80 19.29 5.40
C ALA F 32 20.94 20.36 4.30
N GLY F 33 21.13 21.62 4.73
CA GLY F 33 21.20 22.76 3.82
C GLY F 33 22.26 22.61 2.76
N LYS F 34 21.86 22.78 1.48
CA LYS F 34 22.71 22.64 0.30
C LYS F 34 22.99 21.18 -0.05
N ARG F 35 22.43 20.22 0.70
CA ARG F 35 22.58 18.81 0.39
C ARG F 35 21.21 18.13 0.51
N GLU F 36 20.17 18.82 0.01
CA GLU F 36 18.81 18.29 0.00
C GLU F 36 18.67 17.36 -1.19
N MET F 37 18.98 16.07 -0.96
CA MET F 37 19.21 15.13 -2.03
C MET F 37 18.92 13.71 -1.55
N ALA F 38 18.92 12.77 -2.51
CA ALA F 38 18.86 11.36 -2.26
C ALA F 38 20.03 10.67 -2.95
N ILE F 39 20.50 9.58 -2.33
CA ILE F 39 21.51 8.70 -2.90
C ILE F 39 21.02 7.26 -2.79
N ILE F 40 21.17 6.50 -3.87
CA ILE F 40 20.88 5.07 -3.82
C ILE F 40 22.15 4.28 -4.21
N THR F 41 22.22 3.04 -3.71
CA THR F 41 23.23 2.10 -4.15
C THR F 41 22.58 0.78 -4.51
N PHE F 42 23.30 0.01 -5.32
CA PHE F 42 23.00 -1.37 -5.66
C PHE F 42 24.08 -2.27 -5.07
N LYS F 43 23.80 -3.57 -4.99
CA LYS F 43 24.70 -4.48 -4.30
C LYS F 43 26.02 -4.62 -5.05
N ASN F 44 26.06 -4.28 -6.35
CA ASN F 44 27.29 -4.28 -7.12
C ASN F 44 28.18 -3.09 -6.78
N GLY F 45 27.73 -2.17 -5.91
CA GLY F 45 28.51 -0.99 -5.54
C GLY F 45 28.11 0.27 -6.29
N ALA F 46 27.32 0.14 -7.37
CA ALA F 46 26.97 1.32 -8.14
C ALA F 46 26.16 2.30 -7.27
N THR F 47 26.51 3.58 -7.36
CA THR F 47 25.98 4.62 -6.51
C THR F 47 25.45 5.74 -7.40
N PHE F 48 24.25 6.23 -7.09
CA PHE F 48 23.60 7.26 -7.90
C PHE F 48 22.94 8.31 -7.01
N GLN F 49 22.86 9.53 -7.51
CA GLN F 49 22.22 10.61 -6.78
C GLN F 49 21.04 11.17 -7.56
N VAL F 50 20.10 11.78 -6.82
CA VAL F 50 19.20 12.77 -7.37
C VAL F 50 19.78 14.10 -6.93
N GLU F 51 20.10 14.94 -7.90
CA GLU F 51 20.86 16.16 -7.61
C GLU F 51 20.05 17.11 -6.75
N VAL F 52 20.77 17.86 -5.92
CA VAL F 52 20.22 19.03 -5.27
C VAL F 52 19.70 19.98 -6.36
N PRO F 53 18.45 20.48 -6.26
CA PRO F 53 17.95 21.44 -7.23
C PRO F 53 18.84 22.66 -7.29
N GLY F 54 19.16 23.10 -8.51
CA GLY F 54 20.09 24.22 -8.67
C GLY F 54 19.92 24.88 -10.02
N SER F 55 20.90 25.73 -10.35
CA SER F 55 20.82 26.54 -11.55
C SER F 55 21.03 25.69 -12.81
N GLN F 56 21.46 24.43 -12.68
CA GLN F 56 21.55 23.52 -13.80
C GLN F 56 20.17 22.97 -14.18
N HIS F 57 19.15 23.28 -13.39
CA HIS F 57 17.80 22.75 -13.63
C HIS F 57 16.87 23.86 -14.11
N ILE F 58 15.96 23.55 -15.03
CA ILE F 58 14.91 24.48 -15.40
C ILE F 58 13.72 24.27 -14.47
N ASP F 59 12.83 25.26 -14.44
CA ASP F 59 11.72 25.27 -13.51
C ASP F 59 10.86 24.01 -13.65
N SER F 60 10.65 23.56 -14.90
CA SER F 60 9.79 22.40 -15.15
C SER F 60 10.36 21.12 -14.51
N GLN F 61 11.65 21.10 -14.17
CA GLN F 61 12.25 19.91 -13.58
C GLN F 61 12.01 19.80 -12.07
N LYS F 62 11.66 20.91 -11.41
N LYS F 62 11.55 20.87 -11.41
CA LYS F 62 11.66 20.96 -9.95
CA LYS F 62 11.51 20.91 -9.96
C LYS F 62 10.68 19.91 -9.39
C LYS F 62 10.51 19.89 -9.41
N LYS F 63 9.48 19.84 -9.96
N LYS F 63 9.30 19.83 -9.96
CA LYS F 63 8.46 18.90 -9.52
CA LYS F 63 8.33 18.84 -9.53
C LYS F 63 8.89 17.48 -9.84
C LYS F 63 8.84 17.44 -9.85
N ALA F 64 9.59 17.30 -10.97
CA ALA F 64 10.02 15.97 -11.40
C ALA F 64 11.15 15.44 -10.51
N ILE F 65 12.00 16.34 -10.02
CA ILE F 65 13.03 15.97 -9.05
C ILE F 65 12.38 15.41 -7.78
N GLU F 66 11.34 16.09 -7.30
CA GLU F 66 10.63 15.65 -6.11
C GLU F 66 9.98 14.29 -6.37
N ARG F 67 9.36 14.13 -7.53
CA ARG F 67 8.72 12.89 -7.89
C ARG F 67 9.72 11.74 -7.93
N MET F 68 10.91 12.00 -8.47
CA MET F 68 11.91 10.94 -8.61
C MET F 68 12.33 10.45 -7.21
N LYS F 69 12.50 11.36 -6.27
CA LYS F 69 12.85 10.96 -4.91
C LYS F 69 11.73 10.13 -4.29
N ASP F 70 10.47 10.50 -4.57
CA ASP F 70 9.34 9.69 -4.13
C ASP F 70 9.45 8.27 -4.71
N THR F 71 9.73 8.20 -6.03
CA THR F 71 9.78 6.92 -6.73
C THR F 71 10.90 6.03 -6.16
N LEU F 72 12.07 6.60 -5.91
CA LEU F 72 13.20 5.81 -5.42
C LEU F 72 12.91 5.28 -4.01
N ARG F 73 12.31 6.11 -3.15
CA ARG F 73 11.99 5.67 -1.80
C ARG F 73 11.03 4.47 -1.84
N ILE F 74 9.93 4.57 -2.62
CA ILE F 74 8.96 3.50 -2.64
C ILE F 74 9.54 2.26 -3.35
N ALA F 75 10.37 2.44 -4.38
CA ALA F 75 11.02 1.31 -5.01
C ALA F 75 11.91 0.57 -4.01
N TYR F 76 12.67 1.35 -3.23
CA TYR F 76 13.53 0.77 -2.21
C TYR F 76 12.71 -0.05 -1.22
N LEU F 77 11.65 0.54 -0.69
CA LEU F 77 10.90 -0.07 0.40
C LEU F 77 10.16 -1.31 -0.08
N THR F 78 9.71 -1.31 -1.34
CA THR F 78 8.93 -2.42 -1.90
C THR F 78 9.81 -3.45 -2.58
N GLU F 79 11.13 -3.24 -2.58
CA GLU F 79 12.07 -4.14 -3.23
C GLU F 79 11.75 -4.28 -4.74
N ALA F 80 11.26 -3.19 -5.35
CA ALA F 80 10.91 -3.24 -6.76
C ALA F 80 12.18 -3.35 -7.61
N LYS F 81 12.15 -4.20 -8.62
CA LYS F 81 13.29 -4.32 -9.53
C LYS F 81 13.42 -3.08 -10.40
N VAL F 82 14.60 -2.47 -10.35
CA VAL F 82 14.97 -1.41 -11.25
C VAL F 82 15.55 -2.05 -12.51
N GLU F 83 14.98 -1.69 -13.65
CA GLU F 83 15.49 -2.19 -14.92
C GLU F 83 16.73 -1.39 -15.31
N LYS F 84 16.50 -0.13 -15.71
CA LYS F 84 17.59 0.72 -16.15
C LYS F 84 17.54 2.06 -15.43
N LEU F 85 18.71 2.70 -15.31
CA LEU F 85 18.80 4.11 -15.03
C LEU F 85 19.46 4.81 -16.21
N CYS F 86 18.90 5.95 -16.59
N CYS F 86 18.95 5.99 -16.54
CA CYS F 86 19.59 6.92 -17.42
CA CYS F 86 19.60 6.91 -17.45
C CYS F 86 20.22 7.95 -16.50
C CYS F 86 20.21 8.06 -16.66
N VAL F 87 21.55 8.14 -16.63
CA VAL F 87 22.26 9.04 -15.75
C VAL F 87 23.16 9.98 -16.54
N TRP F 88 23.41 11.15 -15.94
CA TRP F 88 24.49 12.04 -16.36
C TRP F 88 25.79 11.55 -15.73
N ASN F 89 26.80 11.29 -16.57
CA ASN F 89 28.07 10.75 -16.09
C ASN F 89 29.12 11.84 -15.90
N ASN F 90 28.74 13.12 -16.00
CA ASN F 90 29.63 14.21 -15.72
C ASN F 90 29.42 14.71 -14.29
N LYS F 91 28.74 13.90 -13.46
CA LYS F 91 28.63 14.20 -12.05
C LYS F 91 29.10 12.97 -11.27
N THR F 92 29.50 13.22 -10.03
CA THR F 92 29.92 12.17 -9.11
C THR F 92 29.19 12.29 -7.79
N PRO F 93 28.36 11.32 -7.37
CA PRO F 93 28.02 10.16 -8.19
C PRO F 93 27.20 10.52 -9.43
N HIS F 94 27.05 9.57 -10.34
CA HIS F 94 26.24 9.78 -11.52
C HIS F 94 24.83 10.22 -11.09
N ALA F 95 24.28 11.17 -11.85
CA ALA F 95 23.04 11.85 -11.52
C ALA F 95 21.89 11.26 -12.33
N ILE F 96 20.82 10.87 -11.63
CA ILE F 96 19.71 10.21 -12.29
C ILE F 96 18.92 11.19 -13.12
N ALA F 97 18.67 10.80 -14.38
CA ALA F 97 17.80 11.52 -15.30
C ALA F 97 16.48 10.78 -15.47
N ALA F 98 16.51 9.45 -15.49
CA ALA F 98 15.33 8.64 -15.69
C ALA F 98 15.53 7.25 -15.09
N ILE F 99 14.41 6.60 -14.78
CA ILE F 99 14.37 5.26 -14.26
C ILE F 99 13.31 4.47 -15.01
N SER F 100 13.61 3.18 -15.24
CA SER F 100 12.61 2.25 -15.71
C SER F 100 12.52 1.08 -14.76
N MET F 101 11.30 0.60 -14.55
CA MET F 101 11.03 -0.56 -13.74
C MET F 101 10.25 -1.56 -14.59
N ALA F 102 10.70 -2.81 -14.49
CA ALA F 102 10.04 -3.93 -15.14
C ALA F 102 10.40 -5.18 -14.33
N ASN F 103 9.48 -6.15 -14.35
CA ASN F 103 9.67 -7.52 -13.89
C ASN F 103 9.59 -7.59 -12.37
NA NA G . 0.35 -14.97 14.03
NA NA H . -26.81 -31.16 6.39
C1 GOL I . -0.18 1.07 -29.82
O1 GOL I . -1.39 1.67 -30.27
O1 GOL I . -1.39 1.66 -30.27
C2 GOL I . 0.49 1.94 -28.78
O2 GOL I . 1.85 1.53 -28.62
C3 GOL I . 0.24 3.42 -29.04
O3 GOL I . 1.22 4.32 -28.52
C1 GOL J . 0.77 20.69 -28.60
O1 GOL J . 0.02 19.49 -28.50
C2 GOL J . 2.04 20.51 -29.41
O2 GOL J . 2.13 19.16 -29.90
C3 GOL J . 2.15 21.49 -30.56
O3 GOL J . 3.51 21.69 -30.92
C1 GOL K . -15.17 0.79 -16.04
O1 GOL K . -15.32 1.27 -17.38
C2 GOL K . -16.51 0.39 -15.45
O2 GOL K . -17.50 1.35 -15.82
C3 GOL K . -16.94 -1.00 -15.88
O3 GOL K . -16.43 -1.97 -14.99
C1 PEG L . 6.34 -4.38 -7.90
O1 PEG L . 7.68 -4.11 -8.28
C2 PEG L . 5.67 -5.37 -8.81
O2 PEG L . 5.78 -4.97 -10.18
C3 PEG L . 6.12 -6.07 -11.03
C4 PEG L . 5.77 -5.81 -12.47
O4 PEG L . 4.63 -6.54 -12.92
C1 GOL M . -24.25 21.69 -5.10
O1 GOL M . -25.65 21.98 -5.00
C2 GOL M . -23.99 20.20 -5.08
O2 GOL M . -24.56 19.60 -6.25
C3 GOL M . -22.52 19.88 -4.99
O3 GOL M . -21.76 20.71 -5.86
C1 GOL N . -25.78 7.25 -8.35
O1 GOL N . -25.24 8.23 -9.22
C2 GOL N . -26.44 6.14 -9.14
O2 GOL N . -25.51 5.08 -9.36
C3 GOL N . -27.68 5.57 -8.48
O3 GOL N . -27.36 4.98 -7.23
C1 PEG O . -6.68 -3.87 -7.31
O1 PEG O . -5.59 -3.84 -6.39
C2 PEG O . -7.99 -3.79 -6.61
O2 PEG O . -8.89 -4.75 -7.12
C3 PEG O . -10.21 -4.24 -7.32
C4 PEG O . -11.22 -5.01 -6.53
O4 PEG O . -12.56 -4.64 -6.87
C1 GOL P . -14.48 10.79 24.46
O1 GOL P . -14.21 9.50 24.97
C2 GOL P . -14.10 10.83 22.99
O2 GOL P . -15.20 10.32 22.24
C3 GOL P . -13.59 12.18 22.53
O3 GOL P . -14.48 12.91 21.68
C1 GOL Q . 25.52 1.12 1.74
O1 GOL Q . 25.09 0.24 2.77
C2 GOL Q . 25.84 2.49 2.29
O2 GOL Q . 26.37 3.34 1.27
C3 GOL Q . 24.64 3.13 2.95
O3 GOL Q . 25.03 4.26 3.72
C1 GOL R . 19.57 10.41 21.86
O1 GOL R . 18.53 9.60 22.37
C2 GOL R . 19.26 11.87 22.10
O2 GOL R . 18.53 12.37 20.99
C3 GOL R . 18.45 12.15 23.35
O3 GOL R . 18.14 13.53 23.48
C1 GOL S . 22.02 24.03 13.73
O1 GOL S . 23.33 24.11 14.30
C2 GOL S . 21.42 22.64 13.92
O2 GOL S . 21.03 22.51 15.28
C3 GOL S . 20.26 22.30 13.00
O3 GOL S . 19.13 23.15 13.18
C1 GOL T . 24.27 18.87 -16.37
O1 GOL T . 25.19 18.94 -17.46
C2 GOL T . 24.07 17.44 -15.91
O2 GOL T . 25.26 16.95 -15.26
C3 GOL T . 22.88 17.28 -15.00
O3 GOL T . 22.70 18.44 -14.19
C1 GOL U . 29.51 3.53 -11.31
O1 GOL U . 29.18 2.16 -11.06
C2 GOL U . 28.70 4.45 -10.43
O2 GOL U . 28.89 4.12 -9.05
C3 GOL U . 29.01 5.92 -10.65
O3 GOL U . 28.15 6.77 -9.94
#